data_7E15
#
_entry.id   7E15
#
_cell.length_a   69.302
_cell.length_b   48.308
_cell.length_c   205.759
_cell.angle_alpha   90.000
_cell.angle_beta   96.195
_cell.angle_gamma   90.000
#
_symmetry.space_group_name_H-M   'P 1 21 1'
#
loop_
_entity.id
_entity.type
_entity.pdbx_description
1 polymer 'SsDNA-specific exonuclease'
2 polymer Gins51
3 polymer 'DNA polymerase II small subunit'
4 water water
#
loop_
_entity_poly.entity_id
_entity_poly.type
_entity_poly.pdbx_seq_one_letter_code
_entity_poly.pdbx_strand_id
1 'polypeptide(L)'
;MDKEAFLERVREGAELIKMHIELGHTIRLISHRDADGITAGAILAKAVAREGGTFQLSIVKQVSEELIDQLAREKREIYV
FSDLGSGSIELIEEKLNFATVVVADHHPPEKDSFSTDSHVLVNPVPFGANSVRDLSGSGVAYFVAREMNRKNRDMAYVAI
VGAVGDMQEIDGTFHGLNLEIIEDGKELGILEVRKELRLFGRESRPLYQMLAYATNPEIPEITGDERKAIEWLRAKGFDP
EMKYWQLREEEKRKLHEALLVHMIKHGAPKEAIDRLIGDVVISPLYPEGDVRHEAREFATLLNATGRLNAGTLGVAICLG
DEEAYKVARKMLDDYKKEQIEARKFIIQNWNMVEEGEHAYVFYAGKNIRDTLVGIAANMAINAGLADPEKPVVVLADSDE
DENLVKGSARTTEKALEKGYHLGEALKEVAEKLGGEGGGHAIAAGIRFPKNRIDEFIKLFNEALGRQVKGGGSEGEG
;
A,D
2 'polypeptide(L)' MGSSHHHHHHSSGENLYFQGHMSKEVPKEAYIIQIDLPAVLGPDMKEYGPFMAGDMAIIPTVIGRALVEREAARRVRIFL B,E
3 'polypeptide(L)' MLVEDLLKNNYLITPSAYYLLSDHYKKAFTLAELIKFAKNRGTFVVDSNLAREFLAEKGIISSG C,F
#
# COMPACT_ATOMS: atom_id res chain seq x y z
N MET A 1 9.25 -4.43 -26.89
CA MET A 1 10.08 -5.57 -27.27
C MET A 1 9.93 -5.89 -28.74
N ASP A 2 11.04 -6.26 -29.40
CA ASP A 2 11.02 -6.62 -30.81
C ASP A 2 10.70 -8.11 -30.92
N LYS A 3 9.39 -8.41 -30.88
CA LYS A 3 8.97 -9.80 -30.88
C LYS A 3 9.27 -10.49 -32.20
N GLU A 4 9.18 -9.77 -33.31
CA GLU A 4 9.40 -10.40 -34.62
C GLU A 4 10.86 -10.74 -34.82
N ALA A 5 11.77 -9.89 -34.34
CA ALA A 5 13.20 -10.23 -34.43
C ALA A 5 13.52 -11.43 -33.54
N PHE A 6 12.86 -11.54 -32.39
CA PHE A 6 13.08 -12.70 -31.53
C PHE A 6 12.55 -13.97 -32.17
N LEU A 7 11.39 -13.90 -32.83
CA LEU A 7 10.83 -15.07 -33.48
C LEU A 7 11.73 -15.57 -34.60
N GLU A 8 12.48 -14.67 -35.25
CA GLU A 8 13.42 -15.08 -36.27
C GLU A 8 14.53 -15.95 -35.68
N ARG A 9 15.01 -15.60 -34.50
CA ARG A 9 15.98 -16.45 -33.82
C ARG A 9 15.34 -17.78 -33.41
N VAL A 10 14.06 -17.75 -33.03
CA VAL A 10 13.37 -18.97 -32.63
C VAL A 10 13.26 -19.93 -33.82
N ARG A 11 12.92 -19.40 -35.00
CA ARG A 11 12.85 -20.25 -36.19
C ARG A 11 14.23 -20.75 -36.59
N GLU A 12 15.27 -19.91 -36.45
CA GLU A 12 16.62 -20.36 -36.74
C GLU A 12 17.00 -21.56 -35.87
N GLY A 13 16.82 -21.43 -34.55
CA GLY A 13 17.17 -22.52 -33.66
C GLY A 13 16.33 -23.77 -33.92
N ALA A 14 15.05 -23.57 -34.21
CA ALA A 14 14.18 -24.71 -34.50
C ALA A 14 14.56 -25.38 -35.82
N GLU A 15 14.92 -24.59 -36.83
CA GLU A 15 15.29 -25.18 -38.12
C GLU A 15 16.56 -25.99 -38.01
N LEU A 16 17.52 -25.53 -37.20
CA LEU A 16 18.78 -26.26 -37.04
C LEU A 16 18.54 -27.60 -36.36
N ILE A 17 17.71 -27.61 -35.31
CA ILE A 17 17.41 -28.86 -34.60
C ILE A 17 16.73 -29.85 -35.54
N LYS A 18 15.74 -29.39 -36.30
CA LYS A 18 15.01 -30.28 -37.20
C LYS A 18 15.91 -30.76 -38.34
N MET A 19 16.84 -29.92 -38.81
CA MET A 19 17.75 -30.34 -39.85
C MET A 19 18.62 -31.50 -39.39
N HIS A 20 19.12 -31.44 -38.15
CA HIS A 20 19.93 -32.55 -37.65
C HIS A 20 19.09 -33.77 -37.35
N ILE A 21 17.82 -33.58 -36.99
CA ILE A 21 16.93 -34.73 -36.81
C ILE A 21 16.73 -35.46 -38.14
N GLU A 22 16.53 -34.70 -39.22
CA GLU A 22 16.36 -35.30 -40.54
C GLU A 22 17.67 -35.86 -41.08
N LEU A 23 18.81 -35.44 -40.53
CA LEU A 23 20.09 -36.04 -40.86
C LEU A 23 20.40 -37.29 -40.05
N GLY A 24 19.54 -37.66 -39.10
CA GLY A 24 19.77 -38.84 -38.29
C GLY A 24 20.68 -38.64 -37.10
N HIS A 25 20.95 -37.40 -36.71
CA HIS A 25 21.90 -37.11 -35.65
C HIS A 25 21.20 -37.04 -34.30
N THR A 26 21.85 -37.59 -33.28
CA THR A 26 21.33 -37.54 -31.92
C THR A 26 21.41 -36.12 -31.38
N ILE A 27 20.27 -35.59 -30.93
CA ILE A 27 20.21 -34.23 -30.40
C ILE A 27 20.66 -34.28 -28.94
N ARG A 28 21.80 -33.69 -28.64
CA ARG A 28 22.34 -33.68 -27.29
C ARG A 28 21.79 -32.49 -26.53
N LEU A 29 21.02 -32.75 -25.48
CA LEU A 29 20.33 -31.71 -24.71
C LEU A 29 21.00 -31.55 -23.35
N ILE A 30 21.26 -30.30 -22.98
CA ILE A 30 21.81 -29.95 -21.67
C ILE A 30 20.90 -28.90 -21.05
N SER A 31 20.39 -29.17 -19.86
CA SER A 31 19.43 -28.28 -19.23
C SER A 31 19.78 -28.09 -17.76
N HIS A 32 19.23 -27.02 -17.18
CA HIS A 32 19.56 -26.63 -15.82
C HIS A 32 18.76 -27.46 -14.80
N ARG A 33 19.21 -27.39 -13.55
CA ARG A 33 18.80 -28.32 -12.49
C ARG A 33 17.45 -27.95 -11.87
N ASP A 34 17.07 -26.67 -11.87
CA ASP A 34 15.88 -26.23 -11.14
C ASP A 34 14.61 -26.53 -11.96
N ALA A 35 13.46 -26.07 -11.48
CA ALA A 35 12.20 -26.38 -12.14
C ALA A 35 12.14 -25.78 -13.55
N ASP A 36 12.68 -24.56 -13.72
CA ASP A 36 12.69 -23.93 -15.03
C ASP A 36 13.46 -24.77 -16.05
N GLY A 37 14.61 -25.31 -15.64
CA GLY A 37 15.40 -26.12 -16.55
C GLY A 37 14.86 -27.52 -16.76
N ILE A 38 14.25 -28.09 -15.72
CA ILE A 38 13.69 -29.43 -15.85
C ILE A 38 12.50 -29.42 -16.81
N THR A 39 11.64 -28.41 -16.70
CA THR A 39 10.55 -28.28 -17.66
C THR A 39 11.07 -27.93 -19.05
N ALA A 40 12.09 -27.06 -19.13
CA ALA A 40 12.67 -26.74 -20.42
C ALA A 40 13.29 -27.97 -21.07
N GLY A 41 13.96 -28.81 -20.28
CA GLY A 41 14.53 -30.03 -20.82
C GLY A 41 13.46 -30.99 -21.33
N ALA A 42 12.37 -31.12 -20.58
CA ALA A 42 11.30 -32.03 -21.01
C ALA A 42 10.59 -31.50 -22.24
N ILE A 43 10.49 -30.19 -22.40
CA ILE A 43 9.86 -29.60 -23.59
C ILE A 43 10.67 -29.96 -24.83
N LEU A 44 11.99 -29.75 -24.77
CA LEU A 44 12.83 -30.03 -25.93
C LEU A 44 12.99 -31.53 -26.15
N ALA A 45 13.01 -32.31 -25.07
CA ALA A 45 13.11 -33.76 -25.22
C ALA A 45 11.87 -34.32 -25.91
N LYS A 46 10.68 -33.81 -25.56
CA LYS A 46 9.47 -34.28 -26.23
C LYS A 46 9.41 -33.78 -27.66
N ALA A 47 9.89 -32.55 -27.91
CA ALA A 47 9.88 -32.02 -29.27
C ALA A 47 10.73 -32.87 -30.20
N VAL A 48 11.88 -33.34 -29.72
CA VAL A 48 12.75 -34.18 -30.53
C VAL A 48 12.11 -35.54 -30.78
N ALA A 49 11.51 -36.13 -29.75
CA ALA A 49 10.84 -37.42 -29.91
C ALA A 49 9.64 -37.31 -30.83
N ARG A 50 8.92 -36.18 -30.76
CA ARG A 50 7.75 -36.00 -31.61
C ARG A 50 8.11 -35.96 -33.08
N GLU A 51 9.30 -35.47 -33.41
CA GLU A 51 9.79 -35.47 -34.78
C GLU A 51 10.41 -36.80 -35.19
N GLY A 52 10.31 -37.82 -34.35
CA GLY A 52 10.96 -39.09 -34.61
C GLY A 52 12.44 -39.11 -34.35
N GLY A 53 12.97 -38.09 -33.69
CA GLY A 53 14.40 -38.00 -33.45
C GLY A 53 14.86 -38.70 -32.19
N THR A 54 16.14 -38.55 -31.90
CA THR A 54 16.78 -39.17 -30.75
C THR A 54 17.49 -38.09 -29.94
N PHE A 55 17.38 -38.16 -28.63
CA PHE A 55 18.04 -37.21 -27.74
C PHE A 55 18.82 -37.96 -26.66
N GLN A 56 19.68 -37.20 -25.98
CA GLN A 56 20.33 -37.64 -24.75
C GLN A 56 20.42 -36.44 -23.83
N LEU A 57 19.56 -36.38 -22.82
CA LEU A 57 19.38 -35.20 -21.98
C LEU A 57 20.18 -35.33 -20.69
N SER A 58 20.93 -34.26 -20.36
CA SER A 58 21.66 -34.17 -19.11
C SER A 58 21.15 -32.95 -18.34
N ILE A 59 20.79 -33.17 -17.08
CA ILE A 59 20.36 -32.09 -16.18
C ILE A 59 21.54 -31.75 -15.29
N VAL A 60 22.03 -30.53 -15.39
CA VAL A 60 23.28 -30.14 -14.75
C VAL A 60 23.04 -28.97 -13.79
N LYS A 61 23.95 -28.83 -12.83
CA LYS A 61 23.86 -27.73 -11.88
C LYS A 61 24.22 -26.40 -12.54
N GLN A 62 25.20 -26.42 -13.45
CA GLN A 62 25.69 -25.22 -14.09
C GLN A 62 26.58 -25.61 -15.25
N VAL A 63 26.81 -24.65 -16.14
CA VAL A 63 27.74 -24.84 -17.26
C VAL A 63 29.13 -24.41 -16.80
N SER A 64 30.10 -25.32 -16.90
CA SER A 64 31.48 -25.05 -16.50
C SER A 64 32.43 -25.53 -17.58
N GLU A 65 33.69 -25.10 -17.48
CA GLU A 65 34.70 -25.54 -18.42
C GLU A 65 34.87 -27.05 -18.39
N GLU A 66 34.77 -27.66 -17.21
CA GLU A 66 34.88 -29.10 -17.11
C GLU A 66 33.70 -29.78 -17.79
N LEU A 67 32.51 -29.18 -17.69
CA LEU A 67 31.34 -29.74 -18.35
C LEU A 67 31.44 -29.60 -19.87
N ILE A 68 31.85 -28.41 -20.35
CA ILE A 68 31.99 -28.20 -21.78
C ILE A 68 33.06 -29.12 -22.36
N ASP A 69 34.13 -29.37 -21.61
CA ASP A 69 35.17 -30.26 -22.09
C ASP A 69 34.68 -31.70 -22.22
N GLN A 70 33.85 -32.14 -21.27
CA GLN A 70 33.25 -33.47 -21.39
C GLN A 70 32.34 -33.55 -22.61
N LEU A 71 31.54 -32.51 -22.83
CA LEU A 71 30.63 -32.50 -23.98
C LEU A 71 31.42 -32.49 -25.29
N ALA A 72 32.54 -31.77 -25.32
CA ALA A 72 33.35 -31.71 -26.54
C ALA A 72 33.93 -33.08 -26.89
N ARG A 73 34.40 -33.82 -25.87
CA ARG A 73 34.96 -35.14 -26.11
C ARG A 73 33.92 -36.13 -26.59
N GLU A 74 32.64 -35.88 -26.33
CA GLU A 74 31.60 -36.77 -26.84
C GLU A 74 31.48 -36.70 -28.36
N LYS A 75 31.99 -35.63 -28.98
CA LYS A 75 31.98 -35.47 -30.43
C LYS A 75 30.57 -35.62 -31.00
N ARG A 76 29.68 -34.74 -30.56
CA ARG A 76 28.31 -34.75 -31.04
C ARG A 76 28.17 -33.85 -32.27
N GLU A 77 27.04 -33.99 -32.95
CA GLU A 77 26.75 -33.15 -34.12
C GLU A 77 26.05 -31.86 -33.74
N ILE A 78 25.24 -31.86 -32.68
CA ILE A 78 24.52 -30.67 -32.27
C ILE A 78 24.32 -30.71 -30.76
N TYR A 79 24.68 -29.62 -30.09
CA TYR A 79 24.45 -29.44 -28.67
C TYR A 79 23.37 -28.40 -28.47
N VAL A 80 22.41 -28.69 -27.60
CA VAL A 80 21.30 -27.77 -27.31
C VAL A 80 21.29 -27.49 -25.82
N PHE A 81 21.54 -26.23 -25.46
CA PHE A 81 21.50 -25.79 -24.08
C PHE A 81 20.19 -25.08 -23.81
N SER A 82 19.52 -25.43 -22.72
CA SER A 82 18.29 -24.77 -22.31
C SER A 82 18.41 -24.27 -20.89
N ASP A 83 17.95 -23.04 -20.66
CA ASP A 83 17.99 -22.37 -19.35
C ASP A 83 19.42 -22.20 -18.83
N LEU A 84 20.41 -22.23 -19.73
CA LEU A 84 21.79 -21.89 -19.39
C LEU A 84 22.58 -21.72 -20.67
N GLY A 85 23.77 -21.15 -20.54
CA GLY A 85 24.67 -20.92 -21.65
C GLY A 85 24.80 -19.47 -22.06
N SER A 86 23.90 -18.59 -21.60
CA SER A 86 23.96 -17.19 -22.02
C SER A 86 25.24 -16.53 -21.54
N GLY A 87 25.71 -16.90 -20.37
CA GLY A 87 26.95 -16.37 -19.83
C GLY A 87 28.20 -17.12 -20.25
N SER A 88 28.08 -18.09 -21.17
CA SER A 88 29.19 -18.94 -21.58
C SER A 88 29.31 -18.97 -23.09
N ILE A 89 28.89 -17.90 -23.76
CA ILE A 89 28.81 -17.90 -25.21
C ILE A 89 30.21 -18.05 -25.82
N GLU A 90 31.19 -17.33 -25.28
CA GLU A 90 32.54 -17.43 -25.83
C GLU A 90 33.21 -18.75 -25.46
N LEU A 91 32.90 -19.30 -24.29
CA LEU A 91 33.40 -20.62 -23.95
C LEU A 91 32.86 -21.67 -24.93
N ILE A 92 31.59 -21.55 -25.31
CA ILE A 92 30.98 -22.49 -26.25
C ILE A 92 31.53 -22.29 -27.65
N GLU A 93 31.72 -21.02 -28.06
CA GLU A 93 32.34 -20.74 -29.35
C GLU A 93 33.70 -21.42 -29.48
N GLU A 94 34.45 -21.48 -28.38
CA GLU A 94 35.83 -21.96 -28.42
C GLU A 94 35.89 -23.48 -28.51
N LYS A 95 35.12 -24.17 -27.68
CA LYS A 95 35.26 -25.60 -27.49
C LYS A 95 34.23 -26.44 -28.24
N LEU A 96 33.21 -25.82 -28.85
CA LEU A 96 32.18 -26.56 -29.57
C LEU A 96 31.97 -26.02 -30.98
N ASN A 97 32.94 -25.29 -31.54
CA ASN A 97 32.80 -24.76 -32.88
C ASN A 97 32.70 -25.86 -33.93
N PHE A 98 33.14 -27.08 -33.62
CA PHE A 98 33.07 -28.19 -34.56
C PHE A 98 31.65 -28.69 -34.77
N ALA A 99 30.69 -28.23 -33.98
CA ALA A 99 29.33 -28.76 -34.03
C ALA A 99 28.33 -27.60 -34.04
N THR A 100 27.09 -27.94 -34.40
CA THR A 100 25.99 -27.01 -34.24
C THR A 100 25.69 -26.82 -32.76
N VAL A 101 25.45 -25.57 -32.36
CA VAL A 101 25.08 -25.24 -31.00
C VAL A 101 23.85 -24.36 -31.03
N VAL A 102 22.87 -24.70 -30.20
CA VAL A 102 21.69 -23.86 -29.98
C VAL A 102 21.56 -23.62 -28.48
N VAL A 103 21.48 -22.35 -28.09
CA VAL A 103 21.29 -21.95 -26.71
C VAL A 103 19.91 -21.33 -26.59
N ALA A 104 19.07 -21.92 -25.75
CA ALA A 104 17.71 -21.42 -25.47
C ALA A 104 17.69 -20.95 -24.02
N ASP A 105 17.77 -19.64 -23.81
CA ASP A 105 17.92 -19.12 -22.46
C ASP A 105 17.22 -17.77 -22.36
N HIS A 106 17.08 -17.29 -21.13
CA HIS A 106 16.49 -15.99 -20.85
C HIS A 106 17.37 -15.13 -19.97
N HIS A 107 18.54 -15.62 -19.56
CA HIS A 107 19.44 -14.84 -18.75
C HIS A 107 20.24 -13.88 -19.63
N PRO A 108 20.61 -12.71 -19.10
CA PRO A 108 21.30 -11.70 -19.92
C PRO A 108 22.58 -12.26 -20.52
N PRO A 109 22.68 -12.32 -21.84
CA PRO A 109 23.85 -12.92 -22.48
C PRO A 109 25.02 -11.96 -22.54
N GLU A 110 26.22 -12.54 -22.58
CA GLU A 110 27.43 -11.74 -22.71
C GLU A 110 27.62 -11.20 -24.13
N LYS A 111 26.97 -11.82 -25.11
CA LYS A 111 26.94 -11.33 -26.48
C LYS A 111 25.54 -11.54 -27.04
N ASP A 112 25.13 -10.67 -27.97
CA ASP A 112 23.77 -10.74 -28.50
C ASP A 112 23.60 -11.85 -29.53
N SER A 113 24.67 -12.52 -29.94
CA SER A 113 24.61 -13.68 -30.84
C SER A 113 25.99 -14.31 -30.87
N PHE A 114 26.09 -15.42 -31.60
CA PHE A 114 27.37 -16.08 -31.84
C PHE A 114 28.05 -15.46 -33.05
N SER A 115 29.39 -15.40 -32.99
CA SER A 115 30.19 -15.03 -34.14
C SER A 115 30.51 -16.23 -35.03
N THR A 116 30.46 -17.45 -34.49
CA THR A 116 30.74 -18.66 -35.23
C THR A 116 29.48 -19.16 -35.96
N ASP A 117 29.71 -19.94 -37.00
CA ASP A 117 28.62 -20.38 -37.85
C ASP A 117 27.92 -21.61 -37.27
N SER A 118 26.65 -21.77 -37.63
CA SER A 118 25.79 -22.86 -37.16
C SER A 118 25.59 -22.81 -35.64
N HIS A 119 25.83 -21.65 -35.03
CA HIS A 119 25.58 -21.42 -33.60
C HIS A 119 24.53 -20.33 -33.49
N VAL A 120 23.40 -20.64 -32.84
CA VAL A 120 22.29 -19.72 -32.72
C VAL A 120 21.95 -19.54 -31.24
N LEU A 121 21.87 -18.28 -30.81
CA LEU A 121 21.40 -17.91 -29.49
C LEU A 121 19.93 -17.54 -29.59
N VAL A 122 19.07 -18.29 -28.90
CA VAL A 122 17.64 -18.01 -28.83
C VAL A 122 17.37 -17.44 -27.44
N ASN A 123 17.38 -16.11 -27.33
CA ASN A 123 17.26 -15.42 -26.06
C ASN A 123 16.51 -14.12 -26.30
N PRO A 124 15.43 -13.86 -25.56
CA PRO A 124 14.65 -12.64 -25.80
C PRO A 124 15.25 -11.37 -25.21
N VAL A 125 16.22 -11.49 -24.30
CA VAL A 125 16.76 -10.29 -23.64
C VAL A 125 17.36 -9.30 -24.64
N PRO A 126 18.21 -9.70 -25.59
CA PRO A 126 18.74 -8.71 -26.54
C PRO A 126 17.69 -8.02 -27.38
N PHE A 127 16.46 -8.53 -27.42
CA PHE A 127 15.39 -7.93 -28.19
C PHE A 127 14.45 -7.07 -27.36
N GLY A 128 14.81 -6.79 -26.11
CA GLY A 128 14.04 -5.89 -25.27
C GLY A 128 13.19 -6.53 -24.21
N ALA A 129 13.27 -7.85 -24.02
CA ALA A 129 12.44 -8.52 -23.04
C ALA A 129 13.05 -8.40 -21.64
N ASN A 130 12.18 -8.39 -20.64
CA ASN A 130 12.61 -8.43 -19.24
C ASN A 130 12.98 -9.86 -18.87
N SER A 131 14.21 -10.04 -18.37
CA SER A 131 14.72 -11.38 -18.11
C SER A 131 13.89 -12.11 -17.05
N VAL A 132 13.42 -11.39 -16.04
CA VAL A 132 12.81 -12.04 -14.88
C VAL A 132 11.28 -12.01 -14.92
N ARG A 133 10.68 -11.45 -15.97
CA ARG A 133 9.22 -11.36 -15.99
C ARG A 133 8.59 -11.55 -17.37
N ASP A 134 9.34 -11.45 -18.46
CA ASP A 134 8.73 -11.54 -19.78
C ASP A 134 8.74 -12.95 -20.37
N LEU A 135 9.69 -13.80 -19.95
CA LEU A 135 9.79 -15.17 -20.44
C LEU A 135 10.84 -15.89 -19.62
N SER A 136 10.56 -17.15 -19.29
CA SER A 136 11.46 -17.97 -18.50
C SER A 136 12.23 -18.90 -19.44
N GLY A 137 13.16 -19.67 -18.85
CA GLY A 137 13.92 -20.63 -19.65
C GLY A 137 13.03 -21.67 -20.30
N SER A 138 12.05 -22.17 -19.55
CA SER A 138 11.09 -23.10 -20.12
C SER A 138 10.25 -22.42 -21.19
N GLY A 139 10.01 -21.11 -21.06
CA GLY A 139 9.23 -20.40 -22.07
C GLY A 139 9.97 -20.31 -23.39
N VAL A 140 11.28 -20.07 -23.35
CA VAL A 140 12.09 -20.07 -24.57
C VAL A 140 12.07 -21.45 -25.21
N ALA A 141 12.19 -22.50 -24.39
CA ALA A 141 12.11 -23.86 -24.92
C ALA A 141 10.75 -24.11 -25.57
N TYR A 142 9.69 -23.58 -24.96
CA TYR A 142 8.35 -23.77 -25.51
C TYR A 142 8.23 -23.10 -26.88
N PHE A 143 8.70 -21.85 -26.98
CA PHE A 143 8.67 -21.16 -28.27
C PHE A 143 9.41 -21.94 -29.35
N VAL A 144 10.58 -22.47 -29.03
CA VAL A 144 11.37 -23.22 -30.02
C VAL A 144 10.66 -24.51 -30.39
N ALA A 145 10.11 -25.22 -29.41
CA ALA A 145 9.40 -26.46 -29.69
C ALA A 145 8.10 -26.20 -30.46
N ARG A 146 7.42 -25.09 -30.15
CA ARG A 146 6.21 -24.74 -30.88
C ARG A 146 6.53 -24.39 -32.33
N GLU A 147 7.69 -23.80 -32.58
CA GLU A 147 8.09 -23.53 -33.96
C GLU A 147 8.45 -24.82 -34.68
N MET A 148 9.02 -25.79 -33.95
CA MET A 148 9.32 -27.08 -34.57
C MET A 148 8.05 -27.80 -35.00
N ASN A 149 7.00 -27.67 -34.20
CA ASN A 149 5.76 -28.40 -34.42
C ASN A 149 4.69 -27.84 -33.49
N ARG A 150 3.58 -27.36 -34.07
CA ARG A 150 2.56 -26.71 -33.27
C ARG A 150 1.85 -27.66 -32.31
N LYS A 151 1.98 -28.98 -32.53
CA LYS A 151 1.44 -29.93 -31.56
C LYS A 151 2.12 -29.81 -30.21
N ASN A 152 3.34 -29.27 -30.16
CA ASN A 152 4.03 -29.06 -28.89
C ASN A 152 3.35 -28.02 -28.00
N ARG A 153 2.30 -27.37 -28.50
CA ARG A 153 1.49 -26.51 -27.63
C ARG A 153 0.88 -27.27 -26.47
N ASP A 154 0.83 -28.60 -26.54
CA ASP A 154 0.35 -29.42 -25.42
C ASP A 154 1.33 -29.45 -24.25
N MET A 155 2.48 -28.80 -24.37
CA MET A 155 3.40 -28.62 -23.26
C MET A 155 3.27 -27.24 -22.63
N ALA A 156 2.17 -26.53 -22.91
CA ALA A 156 2.02 -25.17 -22.40
C ALA A 156 1.94 -25.17 -20.87
N TYR A 157 1.31 -26.18 -20.29
CA TYR A 157 1.25 -26.24 -18.83
C TYR A 157 2.62 -26.51 -18.23
N VAL A 158 3.39 -27.41 -18.86
CA VAL A 158 4.74 -27.69 -18.38
C VAL A 158 5.59 -26.42 -18.42
N ALA A 159 5.43 -25.61 -19.47
CA ALA A 159 6.19 -24.37 -19.57
C ALA A 159 5.81 -23.39 -18.45
N ILE A 160 4.52 -23.29 -18.13
CA ILE A 160 4.09 -22.39 -17.06
C ILE A 160 4.58 -22.88 -15.71
N VAL A 161 4.67 -24.20 -15.51
CA VAL A 161 5.26 -24.73 -14.28
C VAL A 161 6.66 -24.17 -14.09
N GLY A 162 7.47 -24.19 -15.15
CA GLY A 162 8.79 -23.60 -15.08
C GLY A 162 8.76 -22.09 -14.90
N ALA A 163 7.79 -21.43 -15.54
CA ALA A 163 7.65 -19.98 -15.38
C ALA A 163 7.31 -19.62 -13.94
N VAL A 164 6.44 -20.41 -13.30
CA VAL A 164 6.11 -20.16 -11.89
C VAL A 164 7.29 -20.48 -11.00
N GLY A 165 8.01 -21.57 -11.31
CA GLY A 165 9.23 -21.87 -10.57
C GLY A 165 10.28 -20.80 -10.68
N ASP A 166 10.35 -20.12 -11.83
CA ASP A 166 11.28 -19.01 -12.04
C ASP A 166 10.72 -17.69 -11.52
N MET A 167 9.59 -17.72 -10.83
CA MET A 167 8.98 -16.54 -10.21
C MET A 167 8.67 -15.45 -11.23
N GLN A 168 8.28 -15.86 -12.45
CA GLN A 168 7.90 -14.89 -13.46
C GLN A 168 6.65 -14.12 -13.08
N GLU A 169 5.80 -14.71 -12.23
CA GLU A 169 4.57 -14.10 -11.78
C GLU A 169 4.65 -13.70 -10.31
N ILE A 170 5.82 -13.20 -9.89
CA ILE A 170 6.05 -12.84 -8.49
C ILE A 170 5.05 -11.79 -8.02
N ASP A 171 4.60 -10.90 -8.92
CA ASP A 171 3.66 -9.84 -8.55
C ASP A 171 2.20 -10.25 -8.69
N GLY A 172 1.92 -11.55 -8.81
CA GLY A 172 0.57 -12.04 -8.83
C GLY A 172 -0.04 -12.24 -10.20
N THR A 173 0.67 -11.91 -11.27
CA THR A 173 0.13 -12.06 -12.61
C THR A 173 1.27 -12.29 -13.59
N PHE A 174 0.91 -12.72 -14.80
CA PHE A 174 1.87 -13.01 -15.84
C PHE A 174 2.03 -11.82 -16.78
N HIS A 175 3.19 -11.75 -17.44
CA HIS A 175 3.52 -10.62 -18.29
C HIS A 175 4.27 -11.10 -19.52
N GLY A 176 4.33 -10.21 -20.52
CA GLY A 176 5.17 -10.44 -21.68
C GLY A 176 4.75 -11.66 -22.48
N LEU A 177 5.74 -12.45 -22.88
CA LEU A 177 5.48 -13.62 -23.71
C LEU A 177 4.88 -14.78 -22.93
N ASN A 178 4.83 -14.70 -21.60
CA ASN A 178 4.18 -15.74 -20.83
C ASN A 178 2.68 -15.81 -21.16
N LEU A 179 2.07 -14.65 -21.40
CA LEU A 179 0.64 -14.61 -21.68
C LEU A 179 0.29 -15.38 -22.95
N GLU A 180 1.21 -15.41 -23.92
CA GLU A 180 0.97 -16.17 -25.14
C GLU A 180 0.97 -17.67 -24.87
N ILE A 181 1.77 -18.13 -23.91
CA ILE A 181 1.76 -19.54 -23.55
C ILE A 181 0.49 -19.89 -22.78
N ILE A 182 0.04 -18.98 -21.91
CA ILE A 182 -1.17 -19.23 -21.12
C ILE A 182 -2.39 -19.34 -22.02
N GLU A 183 -2.47 -18.48 -23.04
CA GLU A 183 -3.60 -18.57 -23.97
C GLU A 183 -3.57 -19.86 -24.76
N ASP A 184 -2.38 -20.37 -25.07
CA ASP A 184 -2.28 -21.65 -25.77
C ASP A 184 -2.82 -22.79 -24.92
N GLY A 185 -2.43 -22.82 -23.65
CA GLY A 185 -2.93 -23.85 -22.75
C GLY A 185 -4.43 -23.76 -22.52
N LYS A 186 -4.97 -22.54 -22.50
CA LYS A 186 -6.41 -22.39 -22.36
C LYS A 186 -7.15 -22.94 -23.57
N GLU A 187 -6.64 -22.64 -24.78
CA GLU A 187 -7.28 -23.15 -25.98
C GLU A 187 -7.30 -24.68 -25.99
N LEU A 188 -6.20 -25.30 -25.58
CA LEU A 188 -6.15 -26.75 -25.49
C LEU A 188 -6.82 -27.30 -24.25
N GLY A 189 -7.23 -26.43 -23.31
CA GLY A 189 -7.89 -26.91 -22.11
C GLY A 189 -6.99 -27.64 -21.15
N ILE A 190 -5.67 -27.46 -21.24
CA ILE A 190 -4.75 -28.13 -20.34
C ILE A 190 -4.35 -27.28 -19.14
N LEU A 191 -4.72 -26.00 -19.12
CA LEU A 191 -4.46 -25.18 -17.95
C LEU A 191 -5.59 -24.18 -17.76
N GLU A 192 -5.80 -23.79 -16.51
CA GLU A 192 -6.76 -22.76 -16.14
C GLU A 192 -6.12 -21.84 -15.12
N VAL A 193 -6.47 -20.55 -15.18
CA VAL A 193 -5.92 -19.55 -14.28
C VAL A 193 -7.01 -19.18 -13.28
N ARG A 194 -6.80 -19.58 -12.02
CA ARG A 194 -7.69 -19.21 -10.94
C ARG A 194 -7.23 -17.93 -10.27
N LYS A 195 -8.16 -17.23 -9.63
CA LYS A 195 -7.86 -16.08 -8.78
C LYS A 195 -8.03 -16.54 -7.35
N GLU A 196 -6.94 -16.99 -6.73
CA GLU A 196 -6.98 -17.66 -5.44
C GLU A 196 -5.79 -17.23 -4.59
N LEU A 197 -5.70 -17.84 -3.41
CA LEU A 197 -4.56 -17.64 -2.53
C LEU A 197 -3.30 -18.19 -3.18
N ARG A 198 -2.27 -17.35 -3.28
CA ARG A 198 -1.08 -17.65 -4.05
C ARG A 198 -0.01 -18.40 -3.25
N LEU A 199 -0.31 -18.81 -2.03
CA LEU A 199 0.68 -19.50 -1.20
C LEU A 199 0.86 -20.94 -1.67
N PHE A 200 2.07 -21.46 -1.46
CA PHE A 200 2.35 -22.84 -1.80
C PHE A 200 1.57 -23.79 -0.91
N GLY A 201 1.14 -24.90 -1.49
CA GLY A 201 0.50 -25.97 -0.74
C GLY A 201 -1.01 -26.07 -0.89
N ARG A 202 -1.58 -25.57 -2.00
CA ARG A 202 -3.02 -25.66 -2.16
C ARG A 202 -3.49 -27.06 -2.52
N GLU A 203 -2.58 -27.97 -2.88
CA GLU A 203 -2.94 -29.33 -3.25
C GLU A 203 -2.65 -30.35 -2.17
N SER A 204 -1.46 -30.32 -1.58
CA SER A 204 -1.01 -31.40 -0.70
C SER A 204 -0.73 -30.98 0.74
N ARG A 205 -0.81 -29.69 1.06
CA ARG A 205 -0.44 -29.31 2.42
C ARG A 205 -1.67 -28.92 3.23
N PRO A 206 -1.70 -29.24 4.52
CA PRO A 206 -2.78 -28.77 5.37
C PRO A 206 -2.76 -27.24 5.47
N LEU A 207 -3.93 -26.68 5.79
CA LEU A 207 -4.07 -25.23 5.76
C LEU A 207 -3.14 -24.54 6.75
N TYR A 208 -2.84 -25.17 7.88
CA TYR A 208 -1.93 -24.55 8.82
C TYR A 208 -0.49 -24.57 8.33
N GLN A 209 -0.10 -25.63 7.62
CA GLN A 209 1.23 -25.64 7.01
C GLN A 209 1.29 -24.69 5.83
N MET A 210 0.18 -24.50 5.11
CA MET A 210 0.13 -23.52 4.03
C MET A 210 0.37 -22.12 4.56
N LEU A 211 -0.17 -21.81 5.74
CA LEU A 211 0.01 -20.48 6.33
C LEU A 211 1.37 -20.34 7.01
N ALA A 212 1.80 -21.37 7.75
CA ALA A 212 3.03 -21.26 8.52
C ALA A 212 4.26 -21.16 7.63
N TYR A 213 4.20 -21.75 6.44
CA TYR A 213 5.34 -21.76 5.53
C TYR A 213 5.24 -20.67 4.47
N ALA A 214 4.34 -19.71 4.64
CA ALA A 214 4.14 -18.69 3.62
C ALA A 214 5.37 -17.80 3.50
N THR A 215 5.84 -17.63 2.28
CA THR A 215 7.01 -16.81 1.99
C THR A 215 6.74 -15.69 0.98
N ASN A 216 5.82 -15.89 0.05
CA ASN A 216 5.51 -14.88 -0.96
C ASN A 216 4.00 -14.78 -1.13
N PRO A 217 3.35 -13.94 -0.32
CA PRO A 217 3.97 -13.12 0.73
C PRO A 217 4.06 -13.83 2.07
N GLU A 218 4.82 -13.26 2.99
CA GLU A 218 4.80 -13.72 4.38
C GLU A 218 3.58 -13.17 5.09
N ILE A 219 3.14 -13.88 6.12
CA ILE A 219 1.99 -13.49 6.92
C ILE A 219 2.50 -13.22 8.33
N PRO A 220 2.42 -11.98 8.83
CA PRO A 220 3.05 -11.64 10.11
C PRO A 220 2.42 -12.40 11.27
N GLU A 221 3.28 -12.80 12.21
CA GLU A 221 2.93 -13.56 13.41
C GLU A 221 2.48 -14.98 13.08
N ILE A 222 2.37 -15.33 11.80
CA ILE A 222 1.92 -16.64 11.38
C ILE A 222 3.01 -17.39 10.60
N THR A 223 3.79 -16.68 9.79
CA THR A 223 4.88 -17.30 9.06
C THR A 223 5.93 -17.81 10.04
N GLY A 224 6.18 -19.12 10.00
CA GLY A 224 7.18 -19.73 10.87
C GLY A 224 6.67 -20.19 12.21
N ASP A 225 5.39 -20.04 12.50
CA ASP A 225 4.80 -20.46 13.78
C ASP A 225 3.60 -21.35 13.46
N GLU A 226 3.83 -22.66 13.43
CA GLU A 226 2.74 -23.59 13.16
C GLU A 226 1.67 -23.55 14.24
N ARG A 227 2.06 -23.23 15.47
CA ARG A 227 1.09 -23.19 16.56
C ARG A 227 0.11 -22.04 16.40
N LYS A 228 0.63 -20.85 16.08
CA LYS A 228 -0.25 -19.71 15.85
C LYS A 228 -1.11 -19.90 14.61
N ALA A 229 -0.61 -20.61 13.60
CA ALA A 229 -1.41 -20.88 12.40
C ALA A 229 -2.58 -21.79 12.71
N ILE A 230 -2.36 -22.84 13.51
CA ILE A 230 -3.45 -23.72 13.90
C ILE A 230 -4.47 -22.96 14.73
N GLU A 231 -3.99 -22.14 15.68
CA GLU A 231 -4.89 -21.37 16.53
C GLU A 231 -5.70 -20.36 15.71
N TRP A 232 -5.04 -19.69 14.76
CA TRP A 232 -5.72 -18.68 13.96
C TRP A 232 -6.81 -19.29 13.09
N LEU A 233 -6.53 -20.43 12.45
CA LEU A 233 -7.51 -21.05 11.57
C LEU A 233 -8.71 -21.59 12.36
N ARG A 234 -8.50 -22.04 13.60
CA ARG A 234 -9.62 -22.51 14.41
C ARG A 234 -10.51 -21.35 14.81
N ALA A 235 -9.92 -20.23 15.22
CA ALA A 235 -10.71 -19.09 15.67
C ALA A 235 -11.54 -18.52 14.52
N LYS A 236 -11.00 -18.55 13.30
CA LYS A 236 -11.72 -18.06 12.13
C LYS A 236 -12.71 -19.09 11.58
N GLY A 237 -12.76 -20.30 12.13
CA GLY A 237 -13.75 -21.27 11.72
C GLY A 237 -13.32 -22.26 10.66
N PHE A 238 -12.03 -22.55 10.58
CA PHE A 238 -11.51 -23.45 9.57
C PHE A 238 -10.87 -24.67 10.23
N ASP A 239 -11.05 -25.82 9.60
CA ASP A 239 -10.33 -27.03 10.00
C ASP A 239 -8.88 -26.90 9.57
N PRO A 240 -7.92 -26.78 10.50
CA PRO A 240 -6.52 -26.57 10.09
C PRO A 240 -5.90 -27.78 9.39
N GLU A 241 -6.50 -28.96 9.48
CA GLU A 241 -6.00 -30.14 8.79
C GLU A 241 -6.55 -30.28 7.38
N MET A 242 -7.49 -29.43 7.00
CA MET A 242 -8.09 -29.49 5.67
C MET A 242 -7.13 -28.91 4.63
N LYS A 243 -7.23 -29.42 3.42
CA LYS A 243 -6.45 -28.91 2.30
C LYS A 243 -7.22 -27.79 1.60
N TYR A 244 -6.48 -26.82 1.06
CA TYR A 244 -7.10 -25.64 0.46
C TYR A 244 -8.06 -26.03 -0.66
N TRP A 245 -7.69 -27.01 -1.48
CA TRP A 245 -8.54 -27.40 -2.60
C TRP A 245 -9.87 -27.98 -2.15
N GLN A 246 -9.95 -28.49 -0.93
CA GLN A 246 -11.18 -29.08 -0.41
C GLN A 246 -12.20 -28.03 0.03
N LEU A 247 -11.80 -26.77 0.13
CA LEU A 247 -12.75 -25.73 0.54
C LEU A 247 -13.71 -25.40 -0.59
N ARG A 248 -14.95 -25.10 -0.22
CA ARG A 248 -15.87 -24.53 -1.19
C ARG A 248 -15.42 -23.12 -1.56
N GLU A 249 -15.95 -22.63 -2.69
CA GLU A 249 -15.54 -21.31 -3.17
C GLU A 249 -15.89 -20.22 -2.18
N GLU A 250 -17.02 -20.36 -1.48
CA GLU A 250 -17.37 -19.41 -0.42
C GLU A 250 -16.41 -19.52 0.77
N GLU A 251 -15.94 -20.73 1.07
CA GLU A 251 -14.97 -20.89 2.16
C GLU A 251 -13.63 -20.28 1.81
N LYS A 252 -13.25 -20.30 0.53
CA LYS A 252 -12.00 -19.68 0.12
C LYS A 252 -12.06 -18.16 0.26
N ARG A 253 -13.17 -17.56 -0.18
CA ARG A 253 -13.35 -16.12 0.00
C ARG A 253 -13.29 -15.74 1.47
N LYS A 254 -13.89 -16.56 2.34
CA LYS A 254 -13.81 -16.32 3.78
C LYS A 254 -12.36 -16.32 4.25
N LEU A 255 -11.57 -17.28 3.78
CA LEU A 255 -10.15 -17.35 4.16
C LEU A 255 -9.41 -16.13 3.65
N HIS A 256 -9.65 -15.74 2.40
CA HIS A 256 -8.96 -14.60 1.83
C HIS A 256 -9.26 -13.32 2.60
N GLU A 257 -10.55 -13.04 2.83
CA GLU A 257 -10.94 -11.85 3.57
C GLU A 257 -10.33 -11.84 4.97
N ALA A 258 -10.32 -13.00 5.64
CA ALA A 258 -9.76 -13.07 6.98
C ALA A 258 -8.25 -12.83 6.97
N LEU A 259 -7.55 -13.43 6.00
CA LEU A 259 -6.10 -13.26 5.93
C LEU A 259 -5.73 -11.83 5.59
N LEU A 260 -6.46 -11.21 4.67
CA LEU A 260 -6.15 -9.84 4.27
C LEU A 260 -6.35 -8.86 5.43
N VAL A 261 -7.40 -9.06 6.22
CA VAL A 261 -7.64 -8.22 7.39
C VAL A 261 -6.51 -8.41 8.40
N HIS A 262 -6.10 -9.66 8.63
CA HIS A 262 -5.01 -9.93 9.56
C HIS A 262 -3.72 -9.24 9.12
N MET A 263 -3.50 -9.14 7.80
CA MET A 263 -2.29 -8.49 7.32
C MET A 263 -2.38 -6.97 7.39
N ILE A 264 -3.58 -6.40 7.22
CA ILE A 264 -3.73 -4.95 7.37
C ILE A 264 -3.58 -4.55 8.84
N LYS A 265 -4.09 -5.36 9.75
CA LYS A 265 -3.99 -5.04 11.17
C LYS A 265 -2.55 -5.03 11.63
N HIS A 266 -1.78 -6.05 11.26
CA HIS A 266 -0.41 -6.23 11.73
C HIS A 266 0.61 -5.54 10.83
N GLY A 267 0.19 -4.53 10.07
CA GLY A 267 1.13 -3.68 9.34
C GLY A 267 1.91 -4.36 8.24
N ALA A 268 1.30 -5.28 7.51
CA ALA A 268 1.95 -5.88 6.35
C ALA A 268 2.13 -4.83 5.26
N PRO A 269 3.21 -4.92 4.49
CA PRO A 269 3.40 -3.98 3.38
C PRO A 269 2.30 -4.10 2.34
N LYS A 270 2.01 -2.99 1.66
CA LYS A 270 1.01 -3.02 0.60
C LYS A 270 1.43 -3.97 -0.53
N GLU A 271 2.73 -4.08 -0.79
CA GLU A 271 3.21 -5.00 -1.81
C GLU A 271 2.86 -6.45 -1.44
N ALA A 272 3.07 -6.81 -0.17
CA ALA A 272 2.74 -8.16 0.27
C ALA A 272 1.24 -8.41 0.19
N ILE A 273 0.43 -7.42 0.59
CA ILE A 273 -1.01 -7.59 0.61
C ILE A 273 -1.56 -7.72 -0.81
N ASP A 274 -1.03 -6.92 -1.75
CA ASP A 274 -1.48 -6.98 -3.13
C ASP A 274 -1.14 -8.31 -3.80
N ARG A 275 -0.18 -9.06 -3.26
CA ARG A 275 0.26 -10.31 -3.86
C ARG A 275 -0.35 -11.54 -3.23
N LEU A 276 -1.22 -11.38 -2.22
CA LEU A 276 -1.77 -12.55 -1.52
C LEU A 276 -2.68 -13.36 -2.43
N ILE A 277 -3.64 -12.70 -3.08
CA ILE A 277 -4.57 -13.36 -3.99
C ILE A 277 -4.23 -12.93 -5.41
N GLY A 278 -4.01 -13.91 -6.29
CA GLY A 278 -3.69 -13.62 -7.67
C GLY A 278 -3.78 -14.83 -8.58
N ASP A 279 -2.92 -14.86 -9.60
CA ASP A 279 -2.96 -15.93 -10.58
C ASP A 279 -2.44 -17.23 -9.98
N VAL A 280 -3.26 -18.28 -10.04
CA VAL A 280 -2.87 -19.63 -9.65
C VAL A 280 -3.22 -20.54 -10.81
N VAL A 281 -2.21 -21.15 -11.43
CA VAL A 281 -2.40 -21.92 -12.66
C VAL A 281 -2.72 -23.37 -12.30
N ILE A 282 -3.83 -23.86 -12.82
CA ILE A 282 -4.35 -25.20 -12.53
C ILE A 282 -4.38 -25.99 -13.84
N SER A 283 -4.25 -27.32 -13.74
CA SER A 283 -4.28 -28.18 -14.92
C SER A 283 -5.36 -29.24 -14.74
N PRO A 284 -6.37 -29.30 -15.62
CA PRO A 284 -7.37 -30.38 -15.53
C PRO A 284 -6.82 -31.76 -15.88
N LEU A 285 -5.60 -31.85 -16.42
CA LEU A 285 -5.03 -33.14 -16.77
C LEU A 285 -4.78 -34.01 -15.53
N TYR A 286 -4.72 -33.41 -14.35
CA TYR A 286 -4.43 -34.14 -13.13
C TYR A 286 -5.56 -33.97 -12.12
N PRO A 287 -5.77 -34.94 -11.24
CA PRO A 287 -6.81 -34.81 -10.23
C PRO A 287 -6.50 -33.69 -9.26
N GLU A 288 -7.55 -33.04 -8.76
CA GLU A 288 -7.36 -32.06 -7.70
C GLU A 288 -6.90 -32.77 -6.43
N GLY A 289 -5.95 -32.16 -5.74
CA GLY A 289 -5.25 -32.83 -4.67
C GLY A 289 -3.95 -33.47 -5.08
N ASP A 290 -3.74 -33.68 -6.38
CA ASP A 290 -2.47 -34.16 -6.89
C ASP A 290 -1.49 -33.00 -6.97
N VAL A 291 -0.23 -33.28 -6.61
CA VAL A 291 0.81 -32.24 -6.59
C VAL A 291 0.95 -31.58 -7.96
N ARG A 292 0.76 -32.35 -9.02
CA ARG A 292 0.87 -31.83 -10.38
C ARG A 292 -0.33 -30.98 -10.82
N HIS A 293 -1.40 -30.92 -10.01
CA HIS A 293 -2.59 -30.19 -10.40
C HIS A 293 -2.38 -28.67 -10.37
N GLU A 294 -1.39 -28.20 -9.64
CA GLU A 294 -1.13 -26.77 -9.50
C GLU A 294 0.31 -26.47 -9.85
N ALA A 295 0.54 -25.35 -10.54
CA ALA A 295 1.86 -25.07 -11.11
C ALA A 295 2.92 -24.90 -10.02
N ARG A 296 2.60 -24.15 -8.97
CA ARG A 296 3.59 -23.93 -7.91
C ARG A 296 3.91 -25.23 -7.18
N GLU A 297 2.89 -26.04 -6.90
CA GLU A 297 3.13 -27.33 -6.26
C GLU A 297 3.92 -28.25 -7.17
N PHE A 298 3.58 -28.27 -8.46
CA PHE A 298 4.34 -29.04 -9.44
C PHE A 298 5.79 -28.57 -9.50
N ALA A 299 6.01 -27.26 -9.60
CA ALA A 299 7.37 -26.73 -9.64
C ALA A 299 8.14 -27.06 -8.37
N THR A 300 7.45 -27.14 -7.23
CA THR A 300 8.11 -27.52 -5.98
C THR A 300 8.61 -28.95 -6.03
N LEU A 301 7.80 -29.86 -6.58
CA LEU A 301 8.23 -31.26 -6.69
C LEU A 301 9.44 -31.39 -7.61
N LEU A 302 9.47 -30.61 -8.69
CA LEU A 302 10.58 -30.70 -9.63
C LEU A 302 11.87 -30.22 -8.99
N ASN A 303 11.82 -29.08 -8.28
CA ASN A 303 12.99 -28.60 -7.56
C ASN A 303 13.48 -29.62 -6.55
N ALA A 304 12.58 -30.41 -5.96
CA ALA A 304 12.99 -31.44 -5.02
C ALA A 304 13.80 -32.53 -5.73
N THR A 305 13.31 -33.00 -6.88
CA THR A 305 14.04 -34.00 -7.64
C THR A 305 15.38 -33.47 -8.11
N GLY A 306 15.47 -32.17 -8.42
CA GLY A 306 16.72 -31.59 -8.86
C GLY A 306 17.78 -31.54 -7.77
N ARG A 307 17.36 -31.37 -6.51
CA ARG A 307 18.30 -31.31 -5.40
C ARG A 307 18.81 -32.68 -4.97
N LEU A 308 18.19 -33.76 -5.45
CA LEU A 308 18.61 -35.12 -5.11
C LEU A 308 19.28 -35.82 -6.29
N ASN A 309 19.88 -35.04 -7.20
CA ASN A 309 20.54 -35.57 -8.40
C ASN A 309 19.60 -36.46 -9.21
N ALA A 310 18.31 -36.13 -9.21
CA ALA A 310 17.27 -36.89 -9.90
C ALA A 310 16.48 -36.00 -10.84
N GLY A 311 17.20 -35.08 -11.51
CA GLY A 311 16.54 -34.12 -12.37
C GLY A 311 15.78 -34.77 -13.51
N THR A 312 16.39 -35.77 -14.16
CA THR A 312 15.73 -36.45 -15.26
C THR A 312 14.52 -37.24 -14.79
N LEU A 313 14.54 -37.72 -13.54
CA LEU A 313 13.32 -38.29 -12.98
C LEU A 313 12.20 -37.26 -12.96
N GLY A 314 12.53 -36.01 -12.63
CA GLY A 314 11.54 -34.94 -12.73
C GLY A 314 11.17 -34.64 -14.18
N VAL A 315 12.13 -34.78 -15.10
CA VAL A 315 11.81 -34.61 -16.51
C VAL A 315 10.82 -35.67 -16.96
N ALA A 316 11.03 -36.91 -16.53
CA ALA A 316 10.10 -37.99 -16.89
C ALA A 316 8.69 -37.70 -16.39
N ILE A 317 8.57 -37.06 -15.22
CA ILE A 317 7.25 -36.67 -14.72
C ILE A 317 6.59 -35.69 -15.68
N CYS A 318 7.35 -34.68 -16.13
CA CYS A 318 6.81 -33.68 -17.04
C CYS A 318 6.37 -34.30 -18.36
N LEU A 319 6.99 -35.41 -18.75
CA LEU A 319 6.65 -36.10 -19.99
C LEU A 319 5.43 -37.01 -19.84
N GLY A 320 4.88 -37.13 -18.64
CA GLY A 320 3.69 -37.93 -18.42
C GLY A 320 3.92 -39.30 -17.82
N ASP A 321 5.17 -39.63 -17.48
CA ASP A 321 5.48 -40.94 -16.91
C ASP A 321 4.90 -41.04 -15.50
N GLU A 322 3.99 -41.98 -15.30
CA GLU A 322 3.34 -42.12 -14.01
C GLU A 322 4.22 -42.84 -13.00
N GLU A 323 5.04 -43.79 -13.44
CA GLU A 323 5.90 -44.50 -12.49
C GLU A 323 6.96 -43.57 -11.91
N ALA A 324 7.52 -42.68 -12.74
CA ALA A 324 8.52 -41.74 -12.24
C ALA A 324 7.92 -40.82 -11.19
N TYR A 325 6.66 -40.41 -11.37
CA TYR A 325 5.97 -39.63 -10.35
C TYR A 325 5.83 -40.42 -9.05
N LYS A 326 5.46 -41.70 -9.16
CA LYS A 326 5.36 -42.55 -7.98
C LYS A 326 6.72 -42.74 -7.32
N VAL A 327 7.78 -42.91 -8.12
CA VAL A 327 9.11 -43.07 -7.57
C VAL A 327 9.57 -41.80 -6.87
N ALA A 328 9.24 -40.63 -7.44
CA ALA A 328 9.70 -39.38 -6.86
C ALA A 328 9.04 -39.12 -5.51
N ARG A 329 7.74 -39.39 -5.38
CA ARG A 329 7.06 -39.14 -4.11
C ARG A 329 7.59 -40.03 -3.00
N LYS A 330 7.82 -41.31 -3.31
CA LYS A 330 8.42 -42.20 -2.32
C LYS A 330 9.84 -41.79 -1.99
N MET A 331 10.53 -41.16 -2.92
CA MET A 331 11.92 -40.76 -2.71
C MET A 331 12.03 -39.54 -1.80
N LEU A 332 11.01 -38.69 -1.77
CA LEU A 332 11.05 -37.48 -0.95
C LEU A 332 10.61 -37.75 0.49
N GLU A 338 11.27 -30.88 6.37
CA GLU A 338 12.38 -29.97 6.14
C GLU A 338 12.26 -28.73 7.01
N GLN A 339 11.06 -28.16 7.07
CA GLN A 339 10.83 -27.02 7.95
C GLN A 339 10.94 -27.42 9.41
N ILE A 340 10.53 -28.64 9.75
CA ILE A 340 10.68 -29.11 11.12
C ILE A 340 12.15 -29.24 11.48
N GLU A 341 12.98 -29.68 10.53
CA GLU A 341 14.41 -29.76 10.78
C GLU A 341 15.05 -28.38 10.77
N ALA A 342 14.45 -27.43 10.06
CA ALA A 342 14.97 -26.07 10.07
C ALA A 342 14.77 -25.41 11.43
N ARG A 343 13.66 -25.72 12.11
CA ARG A 343 13.45 -25.19 13.45
C ARG A 343 14.30 -25.94 14.49
N LYS A 344 14.48 -27.24 14.29
CA LYS A 344 15.33 -28.01 15.21
C LYS A 344 16.77 -27.58 15.14
N PHE A 345 17.24 -27.21 13.94
CA PHE A 345 18.64 -26.80 13.79
C PHE A 345 18.89 -25.47 14.48
N ILE A 346 18.08 -24.46 14.19
CA ILE A 346 18.31 -23.13 14.76
C ILE A 346 18.11 -23.12 16.27
N ILE A 347 17.31 -24.04 16.81
CA ILE A 347 17.13 -24.12 18.25
C ILE A 347 18.29 -24.84 18.90
N GLN A 348 18.67 -25.99 18.36
CA GLN A 348 19.76 -26.80 18.93
C GLN A 348 21.14 -26.26 18.56
N ASN A 349 21.23 -25.20 17.76
CA ASN A 349 22.50 -24.58 17.42
C ASN A 349 22.48 -23.08 17.66
N TRP A 350 21.56 -22.58 18.51
CA TRP A 350 21.48 -21.16 18.83
C TRP A 350 22.68 -20.67 19.67
N ASN A 351 23.71 -21.49 19.88
CA ASN A 351 24.95 -21.03 20.49
C ASN A 351 25.92 -20.47 19.46
N MET A 352 25.58 -20.53 18.17
CA MET A 352 26.43 -20.06 17.09
C MET A 352 26.13 -18.63 16.65
N VAL A 353 25.22 -17.94 17.35
CA VAL A 353 24.77 -16.62 16.93
C VAL A 353 25.85 -15.58 17.27
N GLU A 354 25.66 -14.36 16.78
CA GLU A 354 26.58 -13.24 17.01
C GLU A 354 25.73 -12.01 17.34
N GLU A 355 25.13 -12.01 18.52
CA GLU A 355 24.31 -10.88 18.94
C GLU A 355 25.18 -9.65 19.16
N GLY A 356 24.82 -8.56 18.53
CA GLY A 356 25.48 -7.27 18.71
C GLY A 356 24.71 -6.38 19.67
N GLU A 357 24.71 -5.08 19.36
CA GLU A 357 23.99 -4.10 20.17
C GLU A 357 22.61 -3.79 19.63
N HIS A 358 22.19 -4.43 18.54
CA HIS A 358 20.89 -4.10 17.96
C HIS A 358 20.36 -5.20 17.06
N ALA A 359 21.02 -6.36 16.99
CA ALA A 359 20.56 -7.42 16.11
C ALA A 359 21.24 -8.74 16.45
N TYR A 360 20.61 -9.82 16.02
CA TYR A 360 21.20 -11.15 15.99
C TYR A 360 21.62 -11.48 14.57
N VAL A 361 22.70 -12.26 14.44
CA VAL A 361 23.18 -12.72 13.14
C VAL A 361 23.55 -14.20 13.29
N PHE A 362 22.76 -15.07 12.68
CA PHE A 362 22.96 -16.52 12.76
C PHE A 362 23.31 -17.03 11.37
N TYR A 363 24.56 -17.43 11.18
CA TYR A 363 25.03 -17.98 9.91
C TYR A 363 24.90 -19.50 9.98
N ALA A 364 24.02 -20.06 9.15
CA ALA A 364 23.77 -21.50 9.15
C ALA A 364 24.57 -22.25 8.11
N GLY A 365 25.23 -21.57 7.18
CA GLY A 365 25.98 -22.27 6.14
C GLY A 365 25.03 -22.96 5.19
N LYS A 366 25.31 -24.24 4.90
CA LYS A 366 24.49 -25.04 4.02
C LYS A 366 23.38 -25.80 4.76
N ASN A 367 23.32 -25.68 6.09
CA ASN A 367 22.36 -26.46 6.86
C ASN A 367 20.93 -26.00 6.64
N ILE A 368 20.72 -24.80 6.12
CA ILE A 368 19.39 -24.28 5.81
C ILE A 368 19.43 -23.72 4.39
N ARG A 369 18.42 -24.07 3.59
CA ARG A 369 18.33 -23.54 2.24
C ARG A 369 18.22 -22.02 2.27
N ASP A 370 18.71 -21.38 1.21
CA ASP A 370 18.64 -19.93 1.11
C ASP A 370 17.20 -19.44 1.00
N THR A 371 16.26 -20.30 0.60
CA THR A 371 14.86 -19.91 0.52
C THR A 371 14.16 -19.98 1.86
N LEU A 372 14.63 -20.82 2.77
CA LEU A 372 14.05 -20.95 4.11
C LEU A 372 14.64 -19.96 5.10
N VAL A 373 15.53 -19.07 4.64
CA VAL A 373 16.19 -18.15 5.55
C VAL A 373 15.20 -17.18 6.19
N GLY A 374 14.24 -16.69 5.40
CA GLY A 374 13.23 -15.80 5.96
C GLY A 374 12.37 -16.47 7.00
N ILE A 375 11.99 -17.72 6.76
CA ILE A 375 11.21 -18.46 7.76
C ILE A 375 12.04 -18.74 9.00
N ALA A 376 13.32 -19.08 8.82
CA ALA A 376 14.19 -19.35 9.96
C ALA A 376 14.33 -18.14 10.87
N ALA A 377 14.45 -16.95 10.28
CA ALA A 377 14.53 -15.73 11.10
C ALA A 377 13.23 -15.51 11.87
N ASN A 378 12.09 -15.72 11.22
CA ASN A 378 10.82 -15.63 11.92
C ASN A 378 10.70 -16.70 13.01
N MET A 379 11.26 -17.88 12.77
CA MET A 379 11.17 -18.94 13.76
C MET A 379 12.01 -18.62 15.00
N ALA A 380 13.14 -17.94 14.83
CA ALA A 380 13.94 -17.53 15.98
C ALA A 380 13.18 -16.60 16.91
N ILE A 381 12.31 -15.75 16.34
CA ILE A 381 11.50 -14.87 17.18
C ILE A 381 10.40 -15.66 17.88
N ASN A 382 9.70 -16.51 17.13
CA ASN A 382 8.55 -17.26 17.66
C ASN A 382 8.95 -18.62 18.22
N ALA A 383 10.06 -18.70 18.97
CA ALA A 383 10.44 -19.97 19.58
C ALA A 383 11.30 -19.79 20.82
N GLY A 384 11.28 -18.62 21.46
CA GLY A 384 12.00 -18.44 22.71
C GLY A 384 13.51 -18.52 22.56
N LEU A 385 14.03 -18.06 21.42
CA LEU A 385 15.46 -18.11 21.16
C LEU A 385 16.12 -16.75 21.28
N ALA A 386 15.44 -15.68 20.85
CA ALA A 386 16.03 -14.36 20.80
C ALA A 386 15.10 -13.33 21.43
N ASP A 387 15.69 -12.28 21.95
CA ASP A 387 14.93 -11.15 22.48
C ASP A 387 14.12 -10.53 21.35
N PRO A 388 12.79 -10.48 21.45
CA PRO A 388 11.99 -9.89 20.36
C PRO A 388 12.33 -8.45 20.06
N GLU A 389 12.96 -7.73 21.00
CA GLU A 389 13.37 -6.36 20.74
C GLU A 389 14.59 -6.26 19.82
N LYS A 390 15.28 -7.37 19.57
CA LYS A 390 16.45 -7.37 18.70
C LYS A 390 16.14 -8.09 17.40
N PRO A 391 16.24 -7.43 16.25
CA PRO A 391 16.00 -8.11 14.98
C PRO A 391 16.94 -9.30 14.77
N VAL A 392 16.48 -10.25 13.96
CA VAL A 392 17.21 -11.48 13.68
C VAL A 392 17.56 -11.51 12.21
N VAL A 393 18.77 -11.97 11.91
CA VAL A 393 19.25 -12.15 10.54
C VAL A 393 19.84 -13.55 10.42
N VAL A 394 19.23 -14.39 9.59
CA VAL A 394 19.75 -15.71 9.28
C VAL A 394 20.49 -15.63 7.95
N LEU A 395 21.65 -16.26 7.90
CA LEU A 395 22.47 -16.31 6.68
C LEU A 395 22.66 -17.75 6.26
N ALA A 396 22.73 -17.97 4.95
CA ALA A 396 22.91 -19.32 4.41
C ALA A 396 23.59 -19.20 3.06
N ASP A 397 24.49 -20.16 2.78
CA ASP A 397 25.22 -20.17 1.52
C ASP A 397 24.25 -20.29 0.34
N SER A 398 24.40 -19.39 -0.63
CA SER A 398 23.57 -19.43 -1.83
C SER A 398 23.85 -20.72 -2.60
N ASP A 399 22.81 -21.51 -2.82
CA ASP A 399 22.95 -22.76 -3.56
C ASP A 399 23.28 -22.54 -5.04
N GLU A 400 23.17 -21.31 -5.52
CA GLU A 400 23.48 -20.99 -6.91
C GLU A 400 24.86 -20.36 -7.09
N ASP A 401 25.50 -19.92 -6.02
CA ASP A 401 26.79 -19.24 -6.12
C ASP A 401 27.64 -19.64 -4.91
N GLU A 402 28.75 -20.33 -5.16
CA GLU A 402 29.57 -20.82 -4.06
C GLU A 402 30.34 -19.71 -3.37
N ASN A 403 30.44 -18.53 -3.98
CA ASN A 403 31.18 -17.41 -3.41
C ASN A 403 30.26 -16.31 -2.86
N LEU A 404 28.98 -16.61 -2.67
CA LEU A 404 28.01 -15.63 -2.21
C LEU A 404 27.16 -16.22 -1.09
N VAL A 405 26.54 -15.33 -0.32
CA VAL A 405 25.69 -15.73 0.80
C VAL A 405 24.43 -14.88 0.77
N LYS A 406 23.33 -15.43 1.28
CA LYS A 406 22.03 -14.77 1.25
C LYS A 406 21.48 -14.69 2.68
N GLY A 407 20.76 -13.61 2.95
CA GLY A 407 20.21 -13.40 4.29
C GLY A 407 18.91 -12.64 4.26
N SER A 408 18.11 -12.84 5.30
CA SER A 408 16.87 -12.10 5.51
C SER A 408 16.87 -11.50 6.91
N ALA A 409 16.29 -10.32 7.04
CA ALA A 409 16.20 -9.62 8.31
C ALA A 409 14.74 -9.55 8.74
N ARG A 410 14.43 -10.15 9.88
CA ARG A 410 13.08 -10.17 10.42
C ARG A 410 13.09 -9.64 11.85
N THR A 411 12.05 -8.88 12.20
CA THR A 411 11.88 -8.38 13.56
C THR A 411 10.39 -8.31 13.84
N THR A 412 10.04 -7.95 15.08
CA THR A 412 8.65 -7.86 15.50
C THR A 412 8.15 -6.42 15.43
N GLU A 413 6.83 -6.28 15.61
CA GLU A 413 6.22 -4.96 15.54
C GLU A 413 6.64 -4.08 16.71
N LYS A 414 6.71 -4.67 17.91
CA LYS A 414 7.12 -3.90 19.09
C LYS A 414 8.55 -3.39 18.95
N ALA A 415 9.42 -4.17 18.31
CA ALA A 415 10.80 -3.74 18.12
C ALA A 415 10.91 -2.65 17.06
N LEU A 416 9.94 -2.56 16.15
CA LEU A 416 9.96 -1.48 15.16
C LEU A 416 9.87 -0.11 15.81
N GLU A 417 9.30 -0.05 17.02
CA GLU A 417 9.16 1.21 17.76
C GLU A 417 10.41 1.58 18.54
N LYS A 418 11.59 1.29 17.99
CA LYS A 418 12.85 1.79 18.50
C LYS A 418 13.63 2.54 17.43
N GLY A 419 13.01 2.83 16.29
CA GLY A 419 13.67 3.50 15.19
C GLY A 419 14.16 2.58 14.09
N TYR A 420 13.91 1.28 14.20
CA TYR A 420 14.47 0.33 13.25
C TYR A 420 13.76 0.39 11.91
N HIS A 421 14.54 0.20 10.84
CA HIS A 421 13.99 -0.03 9.51
C HIS A 421 14.96 -0.95 8.78
N LEU A 422 14.56 -2.20 8.59
CA LEU A 422 15.47 -3.21 8.05
C LEU A 422 15.74 -3.04 6.57
N GLY A 423 14.87 -2.34 5.84
CA GLY A 423 15.13 -2.12 4.42
C GLY A 423 16.24 -1.11 4.19
N GLU A 424 16.14 0.05 4.85
CA GLU A 424 17.20 1.05 4.74
C GLU A 424 18.49 0.56 5.37
N ALA A 425 18.40 -0.27 6.42
CA ALA A 425 19.60 -0.84 7.02
C ALA A 425 20.30 -1.79 6.06
N LEU A 426 19.53 -2.61 5.34
CA LEU A 426 20.13 -3.57 4.43
C LEU A 426 20.53 -2.92 3.11
N LYS A 427 19.88 -1.82 2.73
CA LYS A 427 20.28 -1.09 1.54
C LYS A 427 21.62 -0.38 1.76
N GLU A 428 21.89 0.01 3.02
CA GLU A 428 23.15 0.68 3.33
C GLU A 428 24.33 -0.28 3.24
N VAL A 429 24.22 -1.43 3.90
CA VAL A 429 25.31 -2.40 3.90
C VAL A 429 25.47 -3.05 2.53
N ALA A 430 24.39 -3.14 1.76
CA ALA A 430 24.49 -3.66 0.40
C ALA A 430 25.38 -2.78 -0.46
N GLU A 431 25.25 -1.46 -0.31
CA GLU A 431 26.11 -0.51 -1.01
C GLU A 431 27.38 -0.19 -0.22
N LYS A 432 27.75 -1.04 0.73
CA LYS A 432 29.04 -0.94 1.39
C LYS A 432 29.78 -2.27 1.44
N LEU A 433 29.20 -3.34 0.89
CA LEU A 433 29.88 -4.63 0.76
C LEU A 433 29.90 -5.16 -0.66
N GLY A 434 29.03 -4.67 -1.55
CA GLY A 434 28.98 -5.15 -2.92
C GLY A 434 27.95 -6.23 -3.13
N GLY A 435 26.70 -5.83 -3.37
CA GLY A 435 25.63 -6.78 -3.61
C GLY A 435 24.28 -6.14 -3.43
N GLU A 436 23.24 -6.93 -3.72
CA GLU A 436 21.89 -6.43 -3.57
C GLU A 436 21.50 -6.35 -2.09
N GLY A 437 20.40 -5.65 -1.83
CA GLY A 437 19.92 -5.47 -0.48
C GLY A 437 18.79 -4.47 -0.38
N GLY A 438 18.10 -4.48 0.75
CA GLY A 438 16.97 -3.60 0.97
C GLY A 438 15.65 -4.36 1.01
N GLY A 439 14.60 -3.63 1.37
CA GLY A 439 13.28 -4.21 1.46
C GLY A 439 12.27 -3.27 2.10
N HIS A 440 11.45 -3.79 3.01
CA HIS A 440 10.43 -3.01 3.70
C HIS A 440 10.88 -2.72 5.13
N ALA A 441 9.95 -2.20 5.93
CA ALA A 441 10.30 -1.75 7.27
C ALA A 441 10.62 -2.93 8.19
N ILE A 442 9.76 -3.95 8.20
CA ILE A 442 9.90 -5.07 9.13
C ILE A 442 10.54 -6.30 8.50
N ALA A 443 10.65 -6.36 7.18
CA ALA A 443 11.23 -7.50 6.50
C ALA A 443 12.08 -7.02 5.34
N ALA A 444 13.31 -7.54 5.25
CA ALA A 444 14.23 -7.17 4.19
C ALA A 444 15.25 -8.27 4.01
N GLY A 445 15.88 -8.29 2.82
CA GLY A 445 16.88 -9.28 2.50
C GLY A 445 18.13 -8.63 1.94
N ILE A 446 19.20 -9.43 1.85
CA ILE A 446 20.48 -8.96 1.37
C ILE A 446 21.27 -10.15 0.83
N ARG A 447 22.13 -9.88 -0.14
CA ARG A 447 23.03 -10.88 -0.70
C ARG A 447 24.40 -10.24 -0.89
N PHE A 448 25.40 -10.76 -0.20
CA PHE A 448 26.72 -10.15 -0.18
C PHE A 448 27.79 -11.24 -0.20
N PRO A 449 29.05 -10.90 -0.49
CA PRO A 449 30.09 -11.92 -0.55
C PRO A 449 30.22 -12.70 0.75
N LYS A 450 30.50 -14.00 0.63
CA LYS A 450 30.63 -14.87 1.79
C LYS A 450 31.86 -14.52 2.62
N ASN A 451 32.90 -13.97 2.00
CA ASN A 451 34.15 -13.71 2.69
C ASN A 451 34.12 -12.46 3.55
N ARG A 452 32.97 -11.80 3.69
CA ARG A 452 32.85 -10.57 4.47
C ARG A 452 31.66 -10.65 5.42
N ILE A 453 31.46 -11.81 6.03
CA ILE A 453 30.37 -11.97 6.99
C ILE A 453 30.68 -11.19 8.27
N ASP A 454 31.94 -11.23 8.72
CA ASP A 454 32.32 -10.50 9.93
C ASP A 454 32.12 -8.99 9.74
N GLU A 455 32.41 -8.48 8.54
CA GLU A 455 32.19 -7.06 8.28
C GLU A 455 30.71 -6.72 8.25
N PHE A 456 29.86 -7.66 7.81
CA PHE A 456 28.43 -7.41 7.80
C PHE A 456 27.87 -7.24 9.20
N ILE A 457 28.32 -8.07 10.15
CA ILE A 457 27.78 -8.03 11.50
C ILE A 457 28.11 -6.70 12.17
N LYS A 458 29.34 -6.22 12.00
CA LYS A 458 29.73 -4.95 12.61
C LYS A 458 29.03 -3.77 11.94
N LEU A 459 28.90 -3.82 10.61
CA LEU A 459 28.26 -2.72 9.90
C LEU A 459 26.75 -2.70 10.15
N PHE A 460 26.11 -3.87 10.13
CA PHE A 460 24.67 -3.93 10.31
C PHE A 460 24.26 -3.52 11.72
N ASN A 461 25.05 -3.91 12.73
CA ASN A 461 24.78 -3.45 14.08
C ASN A 461 25.02 -1.96 14.21
N GLU A 462 26.10 -1.46 13.61
CA GLU A 462 26.36 -0.02 13.64
C GLU A 462 25.30 0.74 12.87
N ALA A 463 24.79 0.16 11.78
CA ALA A 463 23.73 0.81 11.03
C ALA A 463 22.41 0.79 11.80
N LEU A 464 22.10 -0.33 12.46
CA LEU A 464 20.86 -0.42 13.23
C LEU A 464 20.90 0.48 14.46
N GLY A 465 22.00 0.42 15.21
CA GLY A 465 22.18 1.29 16.36
C GLY A 465 22.15 2.77 16.02
N ARG A 466 22.49 3.14 14.79
CA ARG A 466 22.44 4.53 14.34
C ARG A 466 21.03 4.97 13.98
N GLN A 467 20.07 4.05 13.90
CA GLN A 467 18.69 4.39 13.61
C GLN A 467 17.95 4.80 14.87
N VAL B 26 15.16 -50.79 -36.13
CA VAL B 26 15.78 -50.87 -34.81
C VAL B 26 14.91 -50.12 -33.80
N PRO B 27 14.07 -50.84 -33.07
CA PRO B 27 13.16 -50.19 -32.12
C PRO B 27 13.92 -49.53 -30.98
N LYS B 28 13.48 -48.32 -30.63
CA LYS B 28 14.14 -47.51 -29.62
C LYS B 28 13.12 -47.02 -28.60
N GLU B 29 13.58 -46.87 -27.36
CA GLU B 29 12.76 -46.37 -26.26
C GLU B 29 13.58 -45.40 -25.42
N ALA B 30 12.88 -44.70 -24.51
CA ALA B 30 13.50 -43.71 -23.64
C ALA B 30 13.85 -44.36 -22.30
N TYR B 31 15.06 -44.09 -21.82
CA TYR B 31 15.55 -44.66 -20.56
C TYR B 31 16.33 -43.60 -19.80
N ILE B 32 16.30 -43.71 -18.48
CA ILE B 32 17.17 -42.92 -17.60
C ILE B 32 18.34 -43.82 -17.23
N ILE B 33 19.49 -43.58 -17.84
CA ILE B 33 20.69 -44.35 -17.50
C ILE B 33 21.20 -43.87 -16.15
N GLN B 34 21.32 -44.80 -15.21
CA GLN B 34 21.55 -44.48 -13.81
C GLN B 34 23.00 -44.65 -13.38
N ILE B 35 23.90 -45.00 -14.30
CA ILE B 35 25.32 -45.12 -14.02
C ILE B 35 26.10 -44.48 -15.16
N ASP B 36 27.35 -44.12 -14.86
CA ASP B 36 28.28 -43.72 -15.91
C ASP B 36 28.54 -44.90 -16.85
N LEU B 37 28.70 -44.59 -18.12
CA LEU B 37 28.73 -45.65 -19.11
C LEU B 37 29.45 -45.17 -20.38
N PRO B 38 30.47 -45.88 -20.84
CA PRO B 38 31.14 -45.50 -22.09
C PRO B 38 30.25 -45.79 -23.29
N ALA B 39 30.67 -45.28 -24.44
CA ALA B 39 29.97 -45.60 -25.67
C ALA B 39 29.99 -47.10 -25.91
N VAL B 40 28.81 -47.67 -26.21
CA VAL B 40 28.68 -49.10 -26.45
C VAL B 40 28.02 -49.31 -27.81
N LEU B 41 28.27 -50.48 -28.38
CA LEU B 41 27.72 -50.83 -29.67
C LEU B 41 26.31 -51.39 -29.53
N GLY B 42 25.48 -51.09 -30.52
CA GLY B 42 24.18 -51.71 -30.65
C GLY B 42 24.22 -52.77 -31.73
N PRO B 43 23.10 -53.47 -31.93
CA PRO B 43 23.06 -54.49 -32.99
C PRO B 43 23.30 -53.92 -34.38
N ASP B 44 22.88 -52.67 -34.62
CA ASP B 44 23.06 -52.01 -35.91
C ASP B 44 24.47 -51.51 -36.13
N MET B 45 25.43 -51.91 -35.29
CA MET B 45 26.82 -51.46 -35.31
C MET B 45 26.95 -49.95 -35.11
N LYS B 46 25.86 -49.26 -34.75
CA LYS B 46 25.95 -47.86 -34.40
C LYS B 46 26.52 -47.72 -32.99
N GLU B 47 27.04 -46.55 -32.68
CA GLU B 47 27.54 -46.24 -31.35
C GLU B 47 26.48 -45.50 -30.55
N TYR B 48 26.42 -45.79 -29.26
CA TYR B 48 25.46 -45.17 -28.35
C TYR B 48 26.17 -44.78 -27.06
N GLY B 49 26.09 -43.50 -26.71
CA GLY B 49 26.81 -42.99 -25.57
C GLY B 49 27.98 -42.14 -25.98
N PRO B 50 28.90 -41.85 -25.04
CA PRO B 50 28.85 -42.29 -23.63
C PRO B 50 27.78 -41.58 -22.82
N PHE B 51 27.43 -42.15 -21.67
CA PHE B 51 26.34 -41.65 -20.84
C PHE B 51 26.89 -41.21 -19.48
N MET B 52 26.47 -40.03 -19.04
CA MET B 52 26.70 -39.57 -17.69
C MET B 52 25.61 -40.10 -16.77
N ALA B 53 25.99 -40.47 -15.55
CA ALA B 53 25.03 -41.03 -14.60
C ALA B 53 23.86 -40.07 -14.40
N GLY B 54 22.67 -40.53 -14.78
CA GLY B 54 21.47 -39.72 -14.70
C GLY B 54 20.92 -39.28 -16.04
N ASP B 55 21.65 -39.50 -17.13
CA ASP B 55 21.19 -39.07 -18.44
C ASP B 55 19.91 -39.81 -18.84
N MET B 56 19.08 -39.11 -19.62
CA MET B 56 17.92 -39.72 -20.26
C MET B 56 18.16 -39.71 -21.76
N ALA B 57 18.09 -40.88 -22.39
CA ALA B 57 18.40 -41.00 -23.80
C ALA B 57 17.42 -41.94 -24.48
N ILE B 58 17.23 -41.74 -25.78
CA ILE B 58 16.48 -42.67 -26.62
C ILE B 58 17.49 -43.61 -27.26
N ILE B 59 17.46 -44.87 -26.81
CA ILE B 59 18.42 -45.87 -27.24
C ILE B 59 17.66 -47.09 -27.73
N PRO B 60 18.30 -47.96 -28.51
CA PRO B 60 17.65 -49.22 -28.91
C PRO B 60 17.22 -50.02 -27.68
N THR B 61 16.03 -50.61 -27.79
CA THR B 61 15.44 -51.32 -26.65
C THR B 61 16.31 -52.47 -26.17
N VAL B 62 17.05 -53.10 -27.10
CA VAL B 62 17.95 -54.20 -26.71
C VAL B 62 18.93 -53.72 -25.64
N ILE B 63 19.54 -52.55 -25.87
CA ILE B 63 20.49 -52.03 -24.90
C ILE B 63 19.78 -51.57 -23.63
N GLY B 64 18.64 -50.89 -23.79
CA GLY B 64 17.93 -50.39 -22.62
C GLY B 64 17.40 -51.50 -21.74
N ARG B 65 16.81 -52.52 -22.34
CA ARG B 65 16.29 -53.65 -21.57
C ARG B 65 17.41 -54.36 -20.81
N ALA B 66 18.58 -54.48 -21.43
CA ALA B 66 19.72 -55.08 -20.74
C ALA B 66 20.14 -54.24 -19.54
N LEU B 67 20.14 -52.92 -19.70
CA LEU B 67 20.47 -52.05 -18.57
C LEU B 67 19.40 -52.11 -17.50
N VAL B 68 18.13 -52.25 -17.90
CA VAL B 68 17.05 -52.39 -16.93
C VAL B 68 17.22 -53.68 -16.13
N GLU B 69 17.52 -54.79 -16.81
CA GLU B 69 17.72 -56.06 -16.13
C GLU B 69 18.91 -56.01 -15.19
N ARG B 70 19.94 -55.24 -15.53
CA ARG B 70 21.08 -55.03 -14.65
C ARG B 70 20.80 -54.00 -13.55
N GLU B 71 19.56 -53.51 -13.46
CA GLU B 71 19.19 -52.46 -12.50
C GLU B 71 20.07 -51.22 -12.69
N ALA B 72 20.39 -50.91 -13.94
CA ALA B 72 21.23 -49.77 -14.28
C ALA B 72 20.49 -48.72 -15.09
N ALA B 73 19.19 -48.89 -15.29
CA ALA B 73 18.39 -47.92 -16.05
C ALA B 73 16.92 -48.19 -15.80
N ARG B 74 16.10 -47.16 -15.96
CA ARG B 74 14.66 -47.27 -15.87
C ARG B 74 14.03 -46.76 -17.15
N ARG B 75 12.99 -47.44 -17.61
CA ARG B 75 12.24 -46.97 -18.76
C ARG B 75 11.45 -45.72 -18.40
N VAL B 76 11.29 -44.84 -19.37
CA VAL B 76 10.46 -43.64 -19.24
C VAL B 76 9.57 -43.54 -20.47
N ARG B 77 8.27 -43.41 -20.25
CA ARG B 77 7.32 -43.32 -21.34
C ARG B 77 7.05 -41.86 -21.72
N ILE B 78 7.04 -41.60 -23.02
CA ILE B 78 6.78 -40.29 -23.58
C ILE B 78 5.53 -40.41 -24.44
N PHE B 79 4.41 -39.89 -23.93
CA PHE B 79 3.14 -39.98 -24.65
C PHE B 79 3.07 -38.87 -25.69
N LEU B 80 3.05 -39.27 -26.96
CA LEU B 80 3.04 -38.32 -28.07
C LEU B 80 1.67 -38.25 -28.74
N MET C 1 29.94 -61.06 -34.37
CA MET C 1 28.56 -61.11 -33.93
C MET C 1 28.45 -61.22 -32.41
N LEU C 2 29.53 -60.88 -31.71
CA LEU C 2 29.50 -60.93 -30.25
C LEU C 2 28.69 -59.79 -29.65
N VAL C 3 28.40 -58.73 -30.41
CA VAL C 3 27.57 -57.65 -29.91
C VAL C 3 26.17 -58.17 -29.62
N GLU C 4 25.56 -58.88 -30.57
CA GLU C 4 24.24 -59.44 -30.36
C GLU C 4 24.28 -60.56 -29.32
N ASP C 5 25.31 -61.39 -29.37
CA ASP C 5 25.38 -62.52 -28.43
C ASP C 5 25.61 -62.04 -27.00
N LEU C 6 26.42 -61.00 -26.81
CA LEU C 6 26.59 -60.45 -25.47
C LEU C 6 25.32 -59.75 -25.00
N LEU C 7 24.66 -59.01 -25.91
CA LEU C 7 23.38 -58.39 -25.58
C LEU C 7 22.33 -59.43 -25.20
N LYS C 8 22.38 -60.61 -25.82
CA LYS C 8 21.41 -61.66 -25.49
C LYS C 8 21.48 -62.02 -24.01
N ASN C 9 22.68 -61.99 -23.42
CA ASN C 9 22.88 -62.27 -22.00
C ASN C 9 23.09 -61.00 -21.19
N ASN C 10 22.63 -59.86 -21.68
CA ASN C 10 22.71 -58.58 -20.97
C ASN C 10 24.15 -58.16 -20.71
N TYR C 11 24.95 -58.11 -21.77
CA TYR C 11 26.32 -57.62 -21.72
C TYR C 11 26.52 -56.60 -22.82
N LEU C 12 27.07 -55.44 -22.45
CA LEU C 12 27.40 -54.37 -23.37
C LEU C 12 28.89 -54.45 -23.71
N ILE C 13 29.24 -53.86 -24.85
CA ILE C 13 30.64 -53.84 -25.28
C ILE C 13 30.92 -52.51 -25.98
N THR C 14 32.10 -51.96 -25.70
CA THR C 14 32.52 -50.73 -26.33
C THR C 14 33.05 -51.03 -27.73
N PRO C 15 32.95 -50.06 -28.66
CA PRO C 15 33.44 -50.29 -30.02
C PRO C 15 34.92 -50.65 -30.09
N SER C 16 35.74 -50.11 -29.20
CA SER C 16 37.16 -50.45 -29.20
C SER C 16 37.38 -51.89 -28.74
N ALA C 17 36.58 -52.34 -27.75
CA ALA C 17 36.70 -53.72 -27.30
C ALA C 17 36.25 -54.70 -28.39
N TYR C 18 35.23 -54.31 -29.18
CA TYR C 18 34.83 -55.14 -30.31
C TYR C 18 35.96 -55.26 -31.32
N TYR C 19 36.74 -54.19 -31.50
CA TYR C 19 37.84 -54.21 -32.46
C TYR C 19 38.88 -55.24 -32.07
N LEU C 20 39.10 -55.44 -30.77
CA LEU C 20 40.13 -56.35 -30.29
C LEU C 20 39.65 -57.79 -30.14
N LEU C 21 38.34 -58.02 -30.11
CA LEU C 21 37.79 -59.33 -29.79
C LEU C 21 37.02 -60.00 -30.93
N SER C 22 36.53 -59.22 -31.91
CA SER C 22 35.63 -59.79 -32.92
C SER C 22 36.32 -60.89 -33.73
N ASP C 23 37.55 -60.64 -34.17
CA ASP C 23 38.24 -61.63 -34.98
C ASP C 23 38.54 -62.90 -34.20
N HIS C 24 38.71 -62.79 -32.88
CA HIS C 24 38.99 -63.95 -32.05
C HIS C 24 37.74 -64.67 -31.57
N TYR C 25 36.56 -64.07 -31.76
CA TYR C 25 35.33 -64.68 -31.25
C TYR C 25 35.06 -66.01 -31.93
N LYS C 26 34.75 -67.02 -31.12
CA LYS C 26 34.42 -68.39 -31.56
C LYS C 26 35.63 -69.15 -32.07
N LYS C 27 36.75 -68.47 -32.33
CA LYS C 27 37.96 -69.16 -32.75
C LYS C 27 38.87 -69.49 -31.58
N ALA C 28 39.15 -68.51 -30.72
CA ALA C 28 40.09 -68.69 -29.63
C ALA C 28 39.43 -68.62 -28.26
N PHE C 29 38.19 -68.15 -28.17
CA PHE C 29 37.46 -68.14 -26.91
C PHE C 29 35.98 -68.28 -27.20
N THR C 30 35.25 -68.74 -26.19
CA THR C 30 33.81 -68.92 -26.28
C THR C 30 33.09 -67.75 -25.60
N LEU C 31 31.82 -67.58 -25.97
CA LEU C 31 31.00 -66.57 -25.32
C LEU C 31 30.92 -66.81 -23.81
N ALA C 32 30.87 -68.08 -23.41
CA ALA C 32 30.80 -68.39 -21.97
C ALA C 32 32.10 -67.99 -21.27
N GLU C 33 33.24 -68.15 -21.95
CA GLU C 33 34.51 -67.76 -21.34
C GLU C 33 34.58 -66.25 -21.12
N LEU C 34 34.16 -65.48 -22.12
CA LEU C 34 34.17 -64.02 -21.98
C LEU C 34 33.17 -63.57 -20.91
N ILE C 35 31.99 -64.19 -20.89
CA ILE C 35 30.97 -63.82 -19.90
C ILE C 35 31.46 -64.13 -18.49
N LYS C 36 32.10 -65.28 -18.31
CA LYS C 36 32.60 -65.64 -16.98
C LYS C 36 33.70 -64.69 -16.52
N PHE C 37 34.59 -64.30 -17.44
CA PHE C 37 35.65 -63.36 -17.10
C PHE C 37 35.08 -62.02 -16.68
N ALA C 38 34.04 -61.54 -17.38
CA ALA C 38 33.42 -60.27 -17.02
C ALA C 38 32.68 -60.37 -15.69
N LYS C 39 31.97 -61.47 -15.46
CA LYS C 39 31.19 -61.59 -14.23
C LYS C 39 32.08 -61.70 -13.01
N ASN C 40 33.24 -62.34 -13.14
CA ASN C 40 34.18 -62.43 -12.03
C ASN C 40 34.85 -61.10 -11.72
N ARG C 41 34.82 -60.15 -12.67
CA ARG C 41 35.23 -58.78 -12.40
C ARG C 41 34.06 -57.90 -11.98
N GLY C 42 32.88 -58.46 -11.78
CA GLY C 42 31.73 -57.70 -11.31
C GLY C 42 31.28 -56.62 -12.27
N THR C 43 31.34 -56.88 -13.57
CA THR C 43 30.93 -55.91 -14.58
C THR C 43 30.14 -56.60 -15.68
N PHE C 44 29.23 -55.85 -16.29
CA PHE C 44 28.52 -56.31 -17.49
C PHE C 44 28.90 -55.49 -18.72
N VAL C 45 29.93 -54.65 -18.63
CA VAL C 45 30.43 -53.86 -19.74
C VAL C 45 31.79 -54.41 -20.14
N VAL C 46 31.96 -54.72 -21.42
CA VAL C 46 33.22 -55.19 -21.97
C VAL C 46 33.91 -53.99 -22.62
N ASP C 47 34.92 -53.46 -21.96
CA ASP C 47 35.69 -52.34 -22.47
C ASP C 47 37.06 -52.82 -22.95
N SER C 48 37.86 -51.87 -23.44
CA SER C 48 39.18 -52.22 -23.97
C SER C 48 40.09 -52.75 -22.88
N ASN C 49 39.94 -52.26 -21.65
CA ASN C 49 40.76 -52.76 -20.54
C ASN C 49 40.41 -54.20 -20.22
N LEU C 50 39.12 -54.50 -20.10
CA LEU C 50 38.71 -55.88 -19.84
C LEU C 50 39.07 -56.79 -21.00
N ALA C 51 38.97 -56.28 -22.23
CA ALA C 51 39.29 -57.09 -23.41
C ALA C 51 40.76 -57.48 -23.42
N ARG C 52 41.65 -56.53 -23.15
CA ARG C 52 43.08 -56.83 -23.15
C ARG C 52 43.45 -57.75 -22.01
N GLU C 53 42.83 -57.56 -20.83
CA GLU C 53 43.07 -58.49 -19.72
C GLU C 53 42.51 -59.88 -20.03
N PHE C 54 41.42 -59.95 -20.79
CA PHE C 54 40.83 -61.24 -21.12
C PHE C 54 41.71 -62.01 -22.09
N LEU C 55 42.15 -61.34 -23.17
CA LEU C 55 43.05 -62.00 -24.11
C LEU C 55 44.36 -62.39 -23.46
N ALA C 56 44.79 -61.64 -22.43
CA ALA C 56 46.04 -61.97 -21.76
C ALA C 56 45.91 -63.24 -20.93
N GLU C 57 44.84 -63.33 -20.13
CA GLU C 57 44.62 -64.53 -19.33
C GLU C 57 44.42 -65.77 -20.19
N LYS C 58 43.87 -65.60 -21.40
CA LYS C 58 43.65 -66.70 -22.32
C LYS C 58 44.87 -67.04 -23.15
N GLY C 59 45.92 -66.23 -23.10
CA GLY C 59 47.11 -66.51 -23.89
C GLY C 59 46.94 -66.21 -25.36
N ILE C 60 46.04 -65.30 -25.71
CA ILE C 60 45.78 -64.92 -27.10
C ILE C 60 46.63 -63.70 -27.42
N ILE C 61 47.60 -63.88 -28.30
CA ILE C 61 48.55 -62.81 -28.63
C ILE C 61 48.26 -62.24 -30.02
N MET D 1 11.84 19.77 13.19
CA MET D 1 11.34 21.13 13.35
C MET D 1 12.18 21.91 14.37
N ASP D 2 12.30 23.21 14.15
CA ASP D 2 13.00 24.10 15.08
C ASP D 2 11.97 24.60 16.08
N LYS D 3 11.71 23.77 17.11
CA LYS D 3 10.63 24.07 18.04
C LYS D 3 10.97 25.26 18.93
N GLU D 4 12.21 25.34 19.39
CA GLU D 4 12.60 26.43 20.28
C GLU D 4 12.53 27.78 19.57
N ALA D 5 12.81 27.81 18.27
CA ALA D 5 12.66 29.06 17.51
C ALA D 5 11.20 29.42 17.34
N PHE D 6 10.33 28.41 17.18
CA PHE D 6 8.90 28.68 17.11
C PHE D 6 8.37 29.18 18.45
N LEU D 7 8.84 28.61 19.55
CA LEU D 7 8.39 29.05 20.86
C LEU D 7 8.80 30.49 21.15
N GLU D 8 9.88 30.96 20.51
CA GLU D 8 10.27 32.36 20.68
C GLU D 8 9.25 33.29 20.04
N ARG D 9 8.73 32.94 18.87
CA ARG D 9 7.63 33.70 18.28
C ARG D 9 6.39 33.64 19.16
N VAL D 10 6.11 32.46 19.73
CA VAL D 10 4.95 32.32 20.59
C VAL D 10 5.05 33.25 21.80
N ARG D 11 6.22 33.31 22.43
CA ARG D 11 6.41 34.22 23.55
C ARG D 11 6.35 35.68 23.12
N GLU D 12 6.80 35.99 21.91
CA GLU D 12 6.72 37.37 21.42
C GLU D 12 5.27 37.81 21.27
N GLY D 13 4.48 37.02 20.54
CA GLY D 13 3.07 37.36 20.38
C GLY D 13 2.31 37.36 21.68
N ALA D 14 2.68 36.47 22.60
CA ALA D 14 2.03 36.43 23.91
C ALA D 14 2.42 37.65 24.74
N GLU D 15 3.67 38.10 24.62
CA GLU D 15 4.13 39.25 25.39
C GLU D 15 3.46 40.54 24.90
N LEU D 16 3.23 40.66 23.59
CA LEU D 16 2.60 41.86 23.06
C LEU D 16 1.13 41.93 23.47
N ILE D 17 0.44 40.79 23.47
CA ILE D 17 -0.98 40.79 23.85
C ILE D 17 -1.14 41.22 25.29
N LYS D 18 -0.33 40.66 26.19
CA LYS D 18 -0.45 40.99 27.61
C LYS D 18 0.00 42.42 27.90
N MET D 19 0.92 42.96 27.09
CA MET D 19 1.33 44.35 27.27
C MET D 19 0.16 45.29 27.04
N HIS D 20 -0.63 45.03 26.00
CA HIS D 20 -1.79 45.88 25.72
C HIS D 20 -2.93 45.63 26.71
N ILE D 21 -3.01 44.43 27.29
CA ILE D 21 -3.98 44.18 28.35
C ILE D 21 -3.63 45.02 29.57
N GLU D 22 -2.36 45.00 29.98
CA GLU D 22 -1.93 45.77 31.13
C GLU D 22 -1.96 47.28 30.86
N LEU D 23 -2.00 47.69 29.60
CA LEU D 23 -2.20 49.08 29.23
C LEU D 23 -3.67 49.45 29.12
N GLY D 24 -4.58 48.51 29.38
CA GLY D 24 -5.99 48.78 29.31
C GLY D 24 -6.56 48.89 27.91
N HIS D 25 -5.93 48.26 26.93
CA HIS D 25 -6.38 48.37 25.54
C HIS D 25 -7.25 47.17 25.18
N THR D 26 -8.32 47.45 24.45
CA THR D 26 -9.19 46.37 23.97
C THR D 26 -8.46 45.54 22.93
N ILE D 27 -8.42 44.22 23.14
CA ILE D 27 -7.75 43.31 22.23
C ILE D 27 -8.73 42.95 21.11
N ARG D 28 -8.45 43.39 19.89
CA ARG D 28 -9.32 43.17 18.75
C ARG D 28 -8.96 41.83 18.11
N LEU D 29 -9.89 40.87 18.17
CA LEU D 29 -9.67 39.53 17.67
C LEU D 29 -10.44 39.31 16.37
N ILE D 30 -9.78 38.68 15.40
CA ILE D 30 -10.37 38.32 14.12
C ILE D 30 -10.00 36.86 13.84
N SER D 31 -11.01 36.03 13.59
CA SER D 31 -10.79 34.61 13.42
C SER D 31 -11.61 34.08 12.27
N HIS D 32 -11.20 32.91 11.76
CA HIS D 32 -11.83 32.31 10.59
C HIS D 32 -13.14 31.63 10.96
N ARG D 33 -13.98 31.42 9.95
CA ARG D 33 -15.36 30.98 10.08
C ARG D 33 -15.52 29.48 10.36
N ASP D 34 -14.56 28.65 9.95
CA ASP D 34 -14.71 27.20 10.07
C ASP D 34 -14.50 26.77 11.53
N ALA D 35 -14.50 25.47 11.80
CA ALA D 35 -14.35 25.00 13.17
C ALA D 35 -12.97 25.34 13.74
N ASP D 36 -11.94 25.30 12.90
CA ASP D 36 -10.59 25.59 13.39
C ASP D 36 -10.48 27.02 13.89
N GLY D 37 -11.12 27.97 13.20
CA GLY D 37 -11.07 29.35 13.62
C GLY D 37 -12.02 29.69 14.75
N ILE D 38 -13.17 29.01 14.81
CA ILE D 38 -14.10 29.26 15.90
C ILE D 38 -13.48 28.84 17.23
N THR D 39 -12.85 27.68 17.26
CA THR D 39 -12.12 27.27 18.46
C THR D 39 -10.92 28.17 18.72
N ALA D 40 -10.18 28.53 17.66
CA ALA D 40 -9.05 29.44 17.84
C ALA D 40 -9.50 30.78 18.40
N GLY D 41 -10.63 31.30 17.91
CA GLY D 41 -11.15 32.54 18.46
C GLY D 41 -11.57 32.41 19.91
N ALA D 42 -12.12 31.25 20.28
CA ALA D 42 -12.54 31.04 21.67
C ALA D 42 -11.34 30.94 22.60
N ILE D 43 -10.25 30.31 22.13
CA ILE D 43 -9.06 30.15 22.96
C ILE D 43 -8.43 31.51 23.25
N LEU D 44 -8.35 32.38 22.25
CA LEU D 44 -7.76 33.69 22.46
C LEU D 44 -8.69 34.62 23.22
N ALA D 45 -10.00 34.49 23.02
CA ALA D 45 -10.94 35.31 23.78
C ALA D 45 -10.90 34.96 25.25
N LYS D 46 -10.88 33.66 25.58
CA LYS D 46 -10.80 33.24 26.97
C LYS D 46 -9.47 33.65 27.60
N ALA D 47 -8.38 33.55 26.85
CA ALA D 47 -7.08 33.94 27.38
C ALA D 47 -7.05 35.42 27.75
N VAL D 48 -7.67 36.27 26.92
CA VAL D 48 -7.71 37.70 27.21
C VAL D 48 -8.57 37.97 28.43
N ALA D 49 -9.72 37.28 28.54
CA ALA D 49 -10.58 37.47 29.70
C ALA D 49 -9.93 36.93 30.97
N ARG D 50 -9.13 35.86 30.84
CA ARG D 50 -8.48 35.29 32.02
C ARG D 50 -7.47 36.25 32.62
N GLU D 51 -6.89 37.13 31.82
CA GLU D 51 -5.96 38.14 32.30
C GLU D 51 -6.67 39.43 32.73
N GLY D 52 -7.99 39.41 32.84
CA GLY D 52 -8.74 40.60 33.19
C GLY D 52 -8.81 41.63 32.08
N GLY D 53 -8.75 41.19 30.83
CA GLY D 53 -8.74 42.10 29.70
C GLY D 53 -10.08 42.16 28.98
N THR D 54 -10.15 43.07 28.02
CA THR D 54 -11.33 43.25 27.18
C THR D 54 -10.99 42.86 25.75
N PHE D 55 -11.83 42.03 25.13
CA PHE D 55 -11.67 41.68 23.74
C PHE D 55 -12.93 42.08 22.95
N GLN D 56 -12.79 42.02 21.63
CA GLN D 56 -13.92 42.12 20.70
C GLN D 56 -13.61 41.20 19.53
N LEU D 57 -14.36 40.12 19.41
CA LEU D 57 -14.06 39.06 18.47
C LEU D 57 -15.03 39.12 17.28
N SER D 58 -14.47 39.03 16.08
CA SER D 58 -15.24 38.90 14.86
C SER D 58 -14.87 37.59 14.18
N ILE D 59 -15.89 36.85 13.74
CA ILE D 59 -15.71 35.60 13.00
C ILE D 59 -16.04 35.88 11.54
N VAL D 60 -15.03 35.85 10.69
CA VAL D 60 -15.16 36.26 9.30
C VAL D 60 -14.88 35.07 8.38
N LYS D 61 -15.30 35.22 7.12
CA LYS D 61 -15.09 34.17 6.13
C LYS D 61 -13.68 34.17 5.57
N GLN D 62 -13.06 35.34 5.46
CA GLN D 62 -11.73 35.47 4.89
C GLN D 62 -11.22 36.89 5.15
N VAL D 63 -9.91 37.03 5.13
CA VAL D 63 -9.29 38.35 5.25
C VAL D 63 -9.24 38.98 3.86
N SER D 64 -9.88 40.14 3.71
CA SER D 64 -9.92 40.85 2.45
C SER D 64 -9.55 42.31 2.69
N GLU D 65 -9.23 43.00 1.58
CA GLU D 65 -8.91 44.42 1.67
C GLU D 65 -10.06 45.22 2.28
N GLU D 66 -11.30 44.86 1.94
CA GLU D 66 -12.45 45.56 2.51
C GLU D 66 -12.53 45.34 4.01
N LEU D 67 -12.21 44.12 4.47
CA LEU D 67 -12.23 43.86 5.91
C LEU D 67 -11.08 44.57 6.62
N ILE D 68 -9.88 44.56 6.02
CA ILE D 68 -8.75 45.26 6.60
C ILE D 68 -9.02 46.76 6.65
N ASP D 69 -9.72 47.29 5.65
CA ASP D 69 -10.04 48.72 5.65
C ASP D 69 -11.03 49.07 6.77
N GLN D 70 -12.00 48.20 7.01
CA GLN D 70 -12.92 48.43 8.13
C GLN D 70 -12.20 48.36 9.46
N LEU D 71 -11.35 47.34 9.63
CA LEU D 71 -10.58 47.21 10.87
C LEU D 71 -9.67 48.42 11.07
N ALA D 72 -9.07 48.93 9.99
CA ALA D 72 -8.21 50.09 10.10
C ALA D 72 -8.97 51.31 10.60
N ARG D 73 -10.20 51.52 10.09
CA ARG D 73 -11.00 52.65 10.52
C ARG D 73 -11.42 52.56 11.97
N GLU D 74 -11.43 51.36 12.56
CA GLU D 74 -11.73 51.24 13.98
C GLU D 74 -10.66 51.89 14.85
N LYS D 75 -9.46 52.08 14.32
CA LYS D 75 -8.34 52.71 15.02
C LYS D 75 -8.10 52.02 16.37
N ARG D 76 -7.87 50.72 16.29
CA ARG D 76 -7.55 49.93 17.47
C ARG D 76 -6.05 50.01 17.77
N GLU D 77 -5.69 49.63 18.99
CA GLU D 77 -4.28 49.59 19.39
C GLU D 77 -3.62 48.27 19.05
N ILE D 78 -4.39 47.19 18.95
CA ILE D 78 -3.82 45.87 18.67
C ILE D 78 -4.86 45.02 17.95
N TYR D 79 -4.44 44.38 16.86
CA TYR D 79 -5.27 43.45 16.11
C TYR D 79 -4.62 42.08 16.16
N VAL D 80 -5.39 41.07 16.55
CA VAL D 80 -4.92 39.69 16.63
C VAL D 80 -5.71 38.86 15.63
N PHE D 81 -5.02 38.30 14.64
CA PHE D 81 -5.61 37.40 13.65
C PHE D 81 -5.29 35.96 14.03
N SER D 82 -6.30 35.10 14.04
CA SER D 82 -6.12 33.68 14.33
C SER D 82 -6.70 32.87 13.17
N ASP D 83 -5.93 31.88 12.72
CA ASP D 83 -6.29 31.04 11.57
C ASP D 83 -6.53 31.88 10.31
N LEU D 84 -5.88 33.05 10.24
CA LEU D 84 -6.02 33.96 9.12
C LEU D 84 -4.75 34.80 9.01
N GLY D 85 -4.60 35.48 7.88
CA GLY D 85 -3.61 36.52 7.73
C GLY D 85 -2.24 36.07 7.25
N SER D 86 -1.99 34.77 7.13
CA SER D 86 -0.67 34.33 6.66
C SER D 86 -0.43 34.71 5.21
N GLY D 87 -1.47 34.76 4.40
CA GLY D 87 -1.37 35.19 3.02
C GLY D 87 -1.58 36.68 2.80
N SER D 88 -1.71 37.45 3.88
CA SER D 88 -1.99 38.89 3.78
C SER D 88 -1.01 39.70 4.62
N ILE D 89 0.24 39.24 4.74
CA ILE D 89 1.22 39.95 5.55
C ILE D 89 1.50 41.33 4.98
N GLU D 90 1.73 41.41 3.67
CA GLU D 90 2.01 42.70 3.03
C GLU D 90 0.82 43.64 3.17
N LEU D 91 -0.40 43.11 3.09
CA LEU D 91 -1.59 43.94 3.25
C LEU D 91 -1.71 44.44 4.69
N ILE D 92 -1.42 43.58 5.67
CA ILE D 92 -1.52 43.98 7.07
C ILE D 92 -0.41 44.96 7.43
N GLU D 93 0.81 44.74 6.91
CA GLU D 93 1.88 45.69 7.12
C GLU D 93 1.51 47.07 6.61
N GLU D 94 0.80 47.14 5.49
CA GLU D 94 0.54 48.41 4.84
C GLU D 94 -0.56 49.19 5.55
N LYS D 95 -1.66 48.53 5.89
CA LYS D 95 -2.87 49.21 6.34
C LYS D 95 -3.05 49.21 7.86
N LEU D 96 -2.23 48.45 8.60
CA LEU D 96 -2.35 48.39 10.05
C LEU D 96 -1.03 48.70 10.75
N ASN D 97 -0.10 49.37 10.07
CA ASN D 97 1.20 49.71 10.66
C ASN D 97 1.07 50.60 11.88
N PHE D 98 -0.05 51.32 12.03
CA PHE D 98 -0.23 52.20 13.18
C PHE D 98 -0.48 51.45 14.48
N ALA D 99 -0.76 50.15 14.42
CA ALA D 99 -1.13 49.38 15.58
C ALA D 99 -0.28 48.12 15.69
N THR D 100 -0.26 47.55 16.89
CA THR D 100 0.34 46.24 17.09
C THR D 100 -0.49 45.17 16.41
N VAL D 101 0.17 44.25 15.72
CA VAL D 101 -0.52 43.15 15.04
C VAL D 101 0.14 41.84 15.46
N VAL D 102 -0.68 40.86 15.80
CA VAL D 102 -0.22 39.49 16.05
C VAL D 102 -1.03 38.56 15.15
N VAL D 103 -0.34 37.78 14.33
CA VAL D 103 -0.96 36.78 13.47
C VAL D 103 -0.60 35.41 14.01
N ALA D 104 -1.60 34.64 14.40
CA ALA D 104 -1.43 33.28 14.92
C ALA D 104 -2.09 32.33 13.93
N ASP D 105 -1.29 31.77 13.02
CA ASP D 105 -1.82 30.98 11.93
C ASP D 105 -0.90 29.80 11.66
N HIS D 106 -1.36 28.89 10.80
CA HIS D 106 -0.60 27.72 10.40
C HIS D 106 -0.56 27.53 8.89
N HIS D 107 -1.22 28.39 8.12
CA HIS D 107 -1.16 28.32 6.68
C HIS D 107 0.18 28.88 6.18
N PRO D 108 0.66 28.41 5.04
CA PRO D 108 1.98 28.84 4.54
C PRO D 108 2.01 30.35 4.33
N PRO D 109 2.90 31.05 5.03
CA PRO D 109 2.92 32.52 4.94
C PRO D 109 3.71 33.01 3.74
N GLU D 110 3.33 34.20 3.27
CA GLU D 110 4.05 34.80 2.15
C GLU D 110 5.40 35.37 2.59
N LYS D 111 5.58 35.61 3.89
CA LYS D 111 6.85 36.02 4.47
C LYS D 111 7.02 35.32 5.81
N ASP D 112 8.27 35.07 6.20
CA ASP D 112 8.53 34.35 7.45
C ASP D 112 8.43 35.24 8.68
N SER D 113 8.22 36.54 8.50
CA SER D 113 8.00 37.46 9.61
C SER D 113 7.57 38.80 9.04
N PHE D 114 7.15 39.68 9.93
CA PHE D 114 6.88 41.06 9.54
C PHE D 114 8.18 41.87 9.52
N SER D 115 8.24 42.84 8.60
CA SER D 115 9.31 43.83 8.62
C SER D 115 9.00 45.02 9.51
N THR D 116 7.71 45.33 9.70
CA THR D 116 7.30 46.49 10.48
C THR D 116 7.41 46.20 11.98
N ASP D 117 7.55 47.27 12.76
CA ASP D 117 7.68 47.13 14.20
C ASP D 117 6.36 46.72 14.84
N SER D 118 6.47 46.00 15.95
CA SER D 118 5.32 45.59 16.77
C SER D 118 4.36 44.67 16.02
N HIS D 119 4.83 44.02 14.95
CA HIS D 119 4.04 43.04 14.20
C HIS D 119 4.75 41.70 14.26
N VAL D 120 4.10 40.71 14.86
CA VAL D 120 4.69 39.39 15.08
C VAL D 120 3.86 38.33 14.37
N LEU D 121 4.53 37.48 13.60
CA LEU D 121 3.91 36.34 12.95
C LEU D 121 4.20 35.09 13.77
N VAL D 122 3.15 34.50 14.33
CA VAL D 122 3.26 33.25 15.09
C VAL D 122 2.76 32.15 14.17
N ASN D 123 3.69 31.48 13.49
CA ASN D 123 3.38 30.46 12.49
C ASN D 123 4.48 29.41 12.48
N PRO D 124 4.15 28.13 12.69
CA PRO D 124 5.19 27.11 12.76
C PRO D 124 5.74 26.67 11.42
N VAL D 125 5.08 27.03 10.31
CA VAL D 125 5.54 26.57 9.00
C VAL D 125 6.94 27.07 8.65
N PRO D 126 7.29 28.35 8.85
CA PRO D 126 8.66 28.78 8.53
C PRO D 126 9.73 28.07 9.36
N PHE D 127 9.35 27.42 10.46
CA PHE D 127 10.29 26.67 11.28
C PHE D 127 10.32 25.19 10.94
N GLY D 128 9.64 24.78 9.88
CA GLY D 128 9.70 23.42 9.39
C GLY D 128 8.50 22.55 9.68
N ALA D 129 7.45 23.09 10.29
CA ALA D 129 6.28 22.29 10.61
C ALA D 129 5.42 22.06 9.38
N ASN D 130 4.75 20.91 9.35
CA ASN D 130 3.82 20.59 8.28
C ASN D 130 2.51 21.33 8.53
N SER D 131 2.07 22.09 7.53
CA SER D 131 0.90 22.96 7.71
C SER D 131 -0.37 22.16 7.95
N VAL D 132 -0.46 20.94 7.39
CA VAL D 132 -1.71 20.20 7.40
C VAL D 132 -1.76 19.11 8.47
N ARG D 133 -0.65 18.86 9.18
CA ARG D 133 -0.68 17.78 10.17
C ARG D 133 0.15 18.02 11.42
N ASP D 134 0.99 19.06 11.48
CA ASP D 134 1.80 19.28 12.67
C ASP D 134 1.15 20.23 13.68
N LEU D 135 0.27 21.12 13.23
CA LEU D 135 -0.42 22.04 14.11
C LEU D 135 -1.49 22.77 13.30
N SER D 136 -2.67 22.92 13.88
CA SER D 136 -3.76 23.61 13.22
C SER D 136 -3.83 25.06 13.71
N GLY D 137 -4.81 25.80 13.18
CA GLY D 137 -4.97 27.19 13.59
C GLY D 137 -5.31 27.32 15.07
N SER D 138 -6.22 26.47 15.55
CA SER D 138 -6.54 26.46 16.97
C SER D 138 -5.34 26.02 17.80
N GLY D 139 -4.47 25.19 17.23
CA GLY D 139 -3.28 24.77 17.96
C GLY D 139 -2.29 25.90 18.17
N VAL D 140 -2.13 26.75 17.15
CA VAL D 140 -1.28 27.94 17.31
C VAL D 140 -1.86 28.85 18.37
N ALA D 141 -3.19 29.04 18.36
CA ALA D 141 -3.83 29.85 19.38
C ALA D 141 -3.64 29.25 20.77
N TYR D 142 -3.65 27.93 20.86
CA TYR D 142 -3.45 27.27 22.15
C TYR D 142 -2.05 27.55 22.69
N PHE D 143 -1.03 27.43 21.83
CA PHE D 143 0.34 27.68 22.26
C PHE D 143 0.51 29.11 22.77
N VAL D 144 -0.08 30.08 22.07
CA VAL D 144 0.00 31.47 22.50
C VAL D 144 -0.70 31.67 23.83
N ALA D 145 -1.93 31.15 23.94
CA ALA D 145 -2.68 31.30 25.17
C ALA D 145 -2.02 30.57 26.34
N ARG D 146 -1.38 29.44 26.06
CA ARG D 146 -0.68 28.72 27.11
C ARG D 146 0.55 29.48 27.60
N GLU D 147 1.22 30.20 26.69
CA GLU D 147 2.35 31.03 27.10
C GLU D 147 1.86 32.22 27.93
N MET D 148 0.69 32.76 27.60
CA MET D 148 0.14 33.85 28.41
C MET D 148 -0.17 33.38 29.82
N ASN D 149 -0.65 32.15 29.97
CA ASN D 149 -1.09 31.63 31.25
C ASN D 149 -1.33 30.13 31.13
N ARG D 150 -0.58 29.33 31.88
CA ARG D 150 -0.69 27.88 31.77
C ARG D 150 -2.04 27.35 32.24
N LYS D 151 -2.87 28.17 32.89
CA LYS D 151 -4.23 27.75 33.18
C LYS D 151 -5.03 27.51 31.90
N ASN D 152 -4.63 28.14 30.80
CA ASN D 152 -5.30 27.97 29.52
C ASN D 152 -5.10 26.58 28.91
N ARG D 153 -4.32 25.71 29.56
CA ARG D 153 -4.28 24.31 29.16
C ARG D 153 -5.65 23.65 29.27
N ASP D 154 -6.60 24.27 29.98
CA ASP D 154 -7.97 23.78 30.06
C ASP D 154 -8.75 24.00 28.77
N MET D 155 -8.12 24.57 27.75
CA MET D 155 -8.68 24.65 26.41
C MET D 155 -8.08 23.61 25.47
N ALA D 156 -7.37 22.62 26.02
CA ALA D 156 -6.71 21.61 25.18
C ALA D 156 -7.71 20.81 24.39
N TYR D 157 -8.87 20.49 24.98
CA TYR D 157 -9.89 19.77 24.24
C TYR D 157 -10.46 20.64 23.12
N VAL D 158 -10.72 21.91 23.42
CA VAL D 158 -11.21 22.83 22.39
C VAL D 158 -10.20 22.96 21.26
N ALA D 159 -8.90 22.98 21.62
CA ALA D 159 -7.86 23.05 20.60
C ALA D 159 -7.88 21.82 19.71
N ILE D 160 -8.12 20.64 20.29
CA ILE D 160 -8.15 19.42 19.48
C ILE D 160 -9.40 19.38 18.60
N VAL D 161 -10.51 19.95 19.09
CA VAL D 161 -11.73 20.02 18.28
C VAL D 161 -11.44 20.77 16.98
N GLY D 162 -10.73 21.89 17.07
CA GLY D 162 -10.31 22.59 15.87
C GLY D 162 -9.33 21.78 15.03
N ALA D 163 -8.45 21.02 15.68
CA ALA D 163 -7.50 20.20 14.94
C ALA D 163 -8.21 19.09 14.17
N VAL D 164 -9.25 18.50 14.76
CA VAL D 164 -10.00 17.46 14.05
C VAL D 164 -10.80 18.08 12.91
N GLY D 165 -11.37 19.26 13.13
CA GLY D 165 -12.05 19.95 12.05
C GLY D 165 -11.12 20.34 10.91
N ASP D 166 -9.87 20.65 11.24
CA ASP D 166 -8.86 20.95 10.22
C ASP D 166 -8.24 19.70 9.63
N MET D 167 -8.72 18.51 10.03
CA MET D 167 -8.28 17.23 9.48
C MET D 167 -6.79 16.98 9.73
N GLN D 168 -6.27 17.42 10.88
CA GLN D 168 -4.88 17.16 11.23
C GLN D 168 -4.62 15.67 11.43
N GLU D 169 -5.65 14.92 11.80
CA GLU D 169 -5.56 13.47 12.02
C GLU D 169 -6.23 12.69 10.88
N ILE D 170 -6.05 13.15 9.65
CA ILE D 170 -6.70 12.52 8.50
C ILE D 170 -6.30 11.04 8.38
N ASP D 171 -5.08 10.68 8.77
CA ASP D 171 -4.59 9.31 8.65
C ASP D 171 -4.86 8.47 9.89
N GLY D 172 -5.64 8.97 10.83
CA GLY D 172 -6.03 8.20 12.00
C GLY D 172 -5.24 8.48 13.27
N THR D 173 -4.28 9.40 13.25
CA THR D 173 -3.47 9.68 14.42
C THR D 173 -3.00 11.13 14.38
N PHE D 174 -2.56 11.62 15.53
CA PHE D 174 -2.08 12.98 15.68
C PHE D 174 -0.56 13.02 15.55
N HIS D 175 -0.05 14.15 15.06
CA HIS D 175 1.36 14.29 14.76
C HIS D 175 1.87 15.65 15.20
N GLY D 176 3.19 15.72 15.42
CA GLY D 176 3.83 17.01 15.65
C GLY D 176 3.42 17.64 16.97
N LEU D 177 3.19 18.95 16.93
CA LEU D 177 2.84 19.69 18.12
C LEU D 177 1.43 19.36 18.63
N ASN D 178 0.59 18.76 17.78
CA ASN D 178 -0.72 18.31 18.25
C ASN D 178 -0.59 17.33 19.41
N LEU D 179 0.44 16.47 19.38
CA LEU D 179 0.64 15.49 20.43
C LEU D 179 0.86 16.18 21.77
N GLU D 180 1.57 17.32 21.77
CA GLU D 180 1.78 18.06 23.00
C GLU D 180 0.47 18.60 23.58
N ILE D 181 -0.49 18.94 22.72
CA ILE D 181 -1.78 19.40 23.19
C ILE D 181 -2.59 18.22 23.73
N ILE D 182 -2.48 17.05 23.08
CA ILE D 182 -3.18 15.86 23.54
C ILE D 182 -2.74 15.48 24.95
N GLU D 183 -1.44 15.60 25.24
CA GLU D 183 -0.94 15.22 26.55
C GLU D 183 -1.38 16.19 27.63
N ASP D 184 -1.49 17.48 27.29
CA ASP D 184 -1.95 18.46 28.26
C ASP D 184 -3.40 18.18 28.67
N GLY D 185 -4.23 17.80 27.70
CA GLY D 185 -5.61 17.43 28.02
C GLY D 185 -5.70 16.17 28.85
N LYS D 186 -4.80 15.21 28.62
CA LYS D 186 -4.79 14.00 29.44
C LYS D 186 -4.39 14.31 30.88
N GLU D 187 -3.38 15.17 31.06
CA GLU D 187 -2.94 15.52 32.42
C GLU D 187 -4.06 16.18 33.21
N LEU D 188 -4.84 17.05 32.55
CA LEU D 188 -5.95 17.70 33.22
C LEU D 188 -7.20 16.84 33.26
N GLY D 189 -7.19 15.68 32.59
CA GLY D 189 -8.35 14.82 32.59
C GLY D 189 -9.53 15.34 31.81
N ILE D 190 -9.30 16.30 30.90
CA ILE D 190 -10.40 16.87 30.11
C ILE D 190 -10.54 16.22 28.75
N LEU D 191 -9.66 15.29 28.38
CA LEU D 191 -9.83 14.55 27.13
C LEU D 191 -9.18 13.19 27.26
N GLU D 192 -9.77 12.21 26.58
CA GLU D 192 -9.23 10.87 26.43
C GLU D 192 -9.20 10.51 24.96
N VAL D 193 -8.28 9.61 24.60
CA VAL D 193 -8.11 9.18 23.21
C VAL D 193 -8.52 7.71 23.11
N ARG D 194 -9.57 7.44 22.37
CA ARG D 194 -10.06 6.10 22.11
C ARG D 194 -9.54 5.58 20.78
N LYS D 195 -9.51 4.26 20.65
CA LYS D 195 -9.26 3.59 19.38
C LYS D 195 -10.60 3.00 18.95
N GLU D 196 -11.32 3.73 18.10
CA GLU D 196 -12.69 3.37 17.76
C GLU D 196 -12.95 3.69 16.29
N LEU D 197 -14.21 3.51 15.89
CA LEU D 197 -14.63 3.87 14.54
C LEU D 197 -14.55 5.39 14.38
N ARG D 198 -13.81 5.83 13.36
CA ARG D 198 -13.54 7.25 13.16
C ARG D 198 -14.65 7.97 12.41
N LEU D 199 -15.75 7.30 12.08
CA LEU D 199 -16.81 7.95 11.32
C LEU D 199 -17.53 8.99 12.17
N PHE D 200 -18.07 9.99 11.49
CA PHE D 200 -18.85 11.02 12.19
C PHE D 200 -20.15 10.43 12.71
N GLY D 201 -20.55 10.86 13.91
CA GLY D 201 -21.86 10.55 14.43
C GLY D 201 -21.91 9.48 15.50
N ARG D 202 -20.85 9.35 16.29
CA ARG D 202 -20.85 8.39 17.38
C ARG D 202 -21.64 8.86 18.60
N GLU D 203 -22.05 10.12 18.63
CA GLU D 203 -22.76 10.67 19.78
C GLU D 203 -24.25 10.85 19.53
N SER D 204 -24.62 11.40 18.37
CA SER D 204 -26.01 11.77 18.12
C SER D 204 -26.61 11.11 16.88
N ARG D 205 -25.87 10.27 16.17
CA ARG D 205 -26.43 9.70 14.96
C ARG D 205 -26.76 8.21 15.15
N PRO D 206 -27.87 7.76 14.58
CA PRO D 206 -28.12 6.31 14.53
C PRO D 206 -27.03 5.61 13.73
N LEU D 207 -26.84 4.32 14.02
CA LEU D 207 -25.75 3.58 13.40
C LEU D 207 -25.86 3.58 11.87
N TYR D 208 -27.08 3.53 11.34
CA TYR D 208 -27.23 3.45 9.88
C TYR D 208 -26.89 4.78 9.21
N GLN D 209 -27.10 5.91 9.91
CA GLN D 209 -26.66 7.19 9.39
C GLN D 209 -25.16 7.38 9.57
N MET D 210 -24.58 6.80 10.63
CA MET D 210 -23.13 6.82 10.78
C MET D 210 -22.46 6.11 9.60
N LEU D 211 -23.09 5.05 9.08
CA LEU D 211 -22.51 4.33 7.95
C LEU D 211 -22.85 5.01 6.63
N ALA D 212 -24.12 5.42 6.46
CA ALA D 212 -24.56 6.00 5.19
C ALA D 212 -23.86 7.33 4.89
N TYR D 213 -23.40 8.03 5.91
CA TYR D 213 -22.74 9.32 5.72
C TYR D 213 -21.22 9.22 5.85
N ALA D 214 -20.67 8.01 5.83
CA ALA D 214 -19.23 7.82 5.97
C ALA D 214 -18.50 8.45 4.79
N THR D 215 -17.53 9.31 5.10
CA THR D 215 -16.74 9.99 4.08
C THR D 215 -15.24 9.76 4.18
N ASN D 216 -14.72 9.51 5.39
CA ASN D 216 -13.29 9.25 5.57
C ASN D 216 -13.12 8.19 6.64
N PRO D 217 -13.07 6.91 6.24
CA PRO D 217 -13.18 6.52 4.83
C PRO D 217 -14.62 6.29 4.38
N GLU D 218 -14.83 6.23 3.07
CA GLU D 218 -16.12 5.78 2.56
C GLU D 218 -16.23 4.26 2.74
N ILE D 219 -17.46 3.80 2.90
CA ILE D 219 -17.76 2.38 2.97
C ILE D 219 -18.47 1.99 1.68
N PRO D 220 -17.87 1.14 0.84
CA PRO D 220 -18.45 0.87 -0.48
C PRO D 220 -19.82 0.22 -0.38
N GLU D 221 -20.72 0.63 -1.28
CA GLU D 221 -22.11 0.16 -1.39
C GLU D 221 -22.99 0.65 -0.25
N ILE D 222 -22.40 1.21 0.81
CA ILE D 222 -23.14 1.67 1.97
C ILE D 222 -23.15 3.19 2.05
N THR D 223 -22.04 3.85 1.72
CA THR D 223 -22.00 5.30 1.72
C THR D 223 -22.97 5.84 0.68
N GLY D 224 -23.92 6.67 1.13
CA GLY D 224 -24.91 7.25 0.26
C GLY D 224 -26.19 6.44 0.09
N ASP D 225 -26.33 5.33 0.82
CA ASP D 225 -27.50 4.46 0.70
C ASP D 225 -27.94 4.07 2.11
N GLU D 226 -28.83 4.88 2.71
CA GLU D 226 -29.34 4.56 4.03
C GLU D 226 -30.10 3.23 4.03
N ARG D 227 -30.68 2.86 2.90
CA ARG D 227 -31.44 1.61 2.81
C ARG D 227 -30.52 0.41 2.97
N LYS D 228 -29.42 0.37 2.20
CA LYS D 228 -28.46 -0.72 2.33
C LYS D 228 -27.81 -0.72 3.72
N ALA D 229 -27.62 0.45 4.32
CA ALA D 229 -26.99 0.53 5.63
C ALA D 229 -27.87 -0.12 6.69
N ILE D 230 -29.19 0.10 6.64
CA ILE D 230 -30.08 -0.52 7.60
C ILE D 230 -30.11 -2.03 7.41
N GLU D 231 -30.18 -2.49 6.15
CA GLU D 231 -30.17 -3.92 5.88
C GLU D 231 -28.85 -4.55 6.35
N TRP D 232 -27.73 -3.89 6.06
CA TRP D 232 -26.43 -4.44 6.43
C TRP D 232 -26.31 -4.56 7.95
N LEU D 233 -26.83 -3.58 8.69
CA LEU D 233 -26.71 -3.61 10.14
C LEU D 233 -27.63 -4.67 10.75
N ARG D 234 -28.82 -4.85 10.17
CA ARG D 234 -29.73 -5.88 10.68
C ARG D 234 -29.18 -7.27 10.40
N ALA D 235 -28.58 -7.48 9.23
CA ALA D 235 -28.00 -8.78 8.90
C ALA D 235 -26.87 -9.14 9.85
N LYS D 236 -26.08 -8.14 10.25
CA LYS D 236 -24.98 -8.38 11.18
C LYS D 236 -25.42 -8.40 12.65
N GLY D 237 -26.70 -8.18 12.93
CA GLY D 237 -27.21 -8.29 14.27
C GLY D 237 -27.21 -7.02 15.09
N PHE D 238 -27.17 -5.85 14.44
CA PHE D 238 -27.17 -4.57 15.13
C PHE D 238 -28.51 -3.88 14.94
N ASP D 239 -28.92 -3.15 15.99
CA ASP D 239 -30.07 -2.27 15.91
C ASP D 239 -29.66 -1.02 15.15
N PRO D 240 -30.17 -0.80 13.94
CA PRO D 240 -29.73 0.36 13.15
C PRO D 240 -30.15 1.69 13.75
N GLU D 241 -31.13 1.70 14.66
CA GLU D 241 -31.51 2.94 15.33
C GLU D 241 -30.64 3.25 16.52
N MET D 242 -29.90 2.26 17.04
CA MET D 242 -29.01 2.48 18.15
C MET D 242 -27.88 3.44 17.76
N LYS D 243 -27.25 4.02 18.77
CA LYS D 243 -26.12 4.92 18.57
C LYS D 243 -24.83 4.23 18.98
N TYR D 244 -23.74 4.59 18.30
CA TYR D 244 -22.46 3.92 18.51
C TYR D 244 -22.03 3.96 19.97
N TRP D 245 -22.27 5.08 20.65
CA TRP D 245 -21.84 5.21 22.04
C TRP D 245 -22.62 4.27 22.95
N GLN D 246 -23.83 3.88 22.55
CA GLN D 246 -24.64 2.97 23.34
C GLN D 246 -24.17 1.52 23.25
N LEU D 247 -23.42 1.16 22.21
CA LEU D 247 -22.91 -0.19 22.08
C LEU D 247 -21.92 -0.51 23.20
N ARG D 248 -21.93 -1.76 23.65
CA ARG D 248 -20.87 -2.23 24.53
C ARG D 248 -19.56 -2.35 23.74
N GLU D 249 -18.46 -2.48 24.48
CA GLU D 249 -17.15 -2.57 23.83
C GLU D 249 -17.06 -3.82 22.96
N GLU D 250 -17.68 -4.92 23.38
CA GLU D 250 -17.70 -6.11 22.56
C GLU D 250 -18.51 -5.91 21.29
N GLU D 251 -19.59 -5.14 21.38
CA GLU D 251 -20.38 -4.85 20.18
C GLU D 251 -19.63 -3.92 19.23
N LYS D 252 -18.73 -3.10 19.76
CA LYS D 252 -17.95 -2.21 18.90
C LYS D 252 -16.93 -3.00 18.08
N ARG D 253 -16.20 -3.90 18.73
CA ARG D 253 -15.26 -4.75 18.01
C ARG D 253 -15.98 -5.59 16.96
N LYS D 254 -17.16 -6.12 17.29
CA LYS D 254 -17.96 -6.84 16.32
C LYS D 254 -18.32 -5.94 15.14
N LEU D 255 -18.68 -4.69 15.41
CA LEU D 255 -18.96 -3.74 14.33
C LEU D 255 -17.71 -3.48 13.50
N HIS D 256 -16.56 -3.29 14.15
CA HIS D 256 -15.34 -3.01 13.43
C HIS D 256 -14.95 -4.17 12.52
N GLU D 257 -15.04 -5.40 13.02
CA GLU D 257 -14.65 -6.56 12.22
C GLU D 257 -15.54 -6.72 11.00
N ALA D 258 -16.85 -6.53 11.17
CA ALA D 258 -17.75 -6.69 10.04
C ALA D 258 -17.55 -5.59 9.00
N LEU D 259 -17.14 -4.41 9.43
CA LEU D 259 -16.88 -3.33 8.47
C LEU D 259 -15.58 -3.56 7.70
N LEU D 260 -14.55 -4.05 8.39
CA LEU D 260 -13.28 -4.31 7.73
C LEU D 260 -13.43 -5.39 6.66
N VAL D 261 -14.14 -6.47 7.00
CA VAL D 261 -14.37 -7.53 6.02
C VAL D 261 -15.18 -7.02 4.84
N HIS D 262 -16.21 -6.21 5.12
CA HIS D 262 -17.04 -5.67 4.05
C HIS D 262 -16.23 -4.80 3.09
N MET D 263 -15.29 -4.01 3.62
CA MET D 263 -14.46 -3.19 2.75
C MET D 263 -13.45 -4.01 1.97
N ILE D 264 -12.96 -5.10 2.56
CA ILE D 264 -12.09 -6.03 1.81
C ILE D 264 -12.87 -6.67 0.67
N LYS D 265 -14.12 -7.04 0.93
CA LYS D 265 -14.92 -7.71 -0.09
C LYS D 265 -15.13 -6.83 -1.32
N HIS D 266 -15.30 -5.53 -1.11
CA HIS D 266 -15.69 -4.62 -2.18
C HIS D 266 -14.54 -3.71 -2.63
N GLY D 267 -13.31 -4.19 -2.48
CA GLY D 267 -12.17 -3.50 -3.08
C GLY D 267 -11.91 -2.10 -2.57
N ALA D 268 -12.07 -1.89 -1.27
CA ALA D 268 -11.68 -0.62 -0.69
C ALA D 268 -10.16 -0.49 -0.70
N PRO D 269 -9.62 0.70 -0.97
CA PRO D 269 -8.16 0.85 -0.97
C PRO D 269 -7.59 0.60 0.42
N LYS D 270 -6.34 0.16 0.45
CA LYS D 270 -5.67 -0.08 1.73
C LYS D 270 -5.60 1.20 2.56
N GLU D 271 -5.44 2.34 1.90
CA GLU D 271 -5.38 3.61 2.61
C GLU D 271 -6.69 3.91 3.32
N ALA D 272 -7.82 3.67 2.63
CA ALA D 272 -9.12 3.89 3.24
C ALA D 272 -9.35 2.93 4.41
N ILE D 273 -9.02 1.65 4.22
CA ILE D 273 -9.22 0.66 5.28
C ILE D 273 -8.36 1.00 6.49
N ASP D 274 -7.14 1.50 6.26
CA ASP D 274 -6.26 1.85 7.37
C ASP D 274 -6.80 3.00 8.21
N ARG D 275 -7.78 3.75 7.69
CA ARG D 275 -8.33 4.91 8.37
C ARG D 275 -9.70 4.65 9.00
N LEU D 276 -10.14 3.39 9.03
CA LEU D 276 -11.46 3.10 9.58
C LEU D 276 -11.48 3.22 11.09
N ILE D 277 -10.53 2.57 11.77
CA ILE D 277 -10.43 2.58 13.22
C ILE D 277 -9.14 3.30 13.60
N GLY D 278 -9.27 4.37 14.38
CA GLY D 278 -8.14 5.14 14.81
C GLY D 278 -8.46 6.00 16.00
N ASP D 279 -7.69 7.07 16.15
CA ASP D 279 -7.86 7.97 17.29
C ASP D 279 -9.20 8.68 17.24
N VAL D 280 -9.91 8.64 18.38
CA VAL D 280 -11.16 9.38 18.57
C VAL D 280 -11.06 10.07 19.92
N VAL D 281 -11.05 11.40 19.91
CA VAL D 281 -10.83 12.20 21.11
C VAL D 281 -12.16 12.41 21.81
N ILE D 282 -12.21 12.04 23.09
CA ILE D 282 -13.41 12.11 23.92
C ILE D 282 -13.13 13.01 25.11
N SER D 283 -14.16 13.72 25.58
CA SER D 283 -14.02 14.63 26.71
C SER D 283 -14.94 14.22 27.84
N PRO D 284 -14.43 13.94 29.05
CA PRO D 284 -15.32 13.65 30.18
C PRO D 284 -16.07 14.86 30.69
N LEU D 285 -15.76 16.06 30.19
CA LEU D 285 -16.46 17.26 30.63
C LEU D 285 -17.93 17.26 30.21
N TYR D 286 -18.30 16.45 29.22
CA TYR D 286 -19.65 16.44 28.68
C TYR D 286 -20.23 15.04 28.75
N PRO D 287 -21.55 14.92 28.84
CA PRO D 287 -22.17 13.59 28.90
C PRO D 287 -22.01 12.85 27.58
N GLU D 288 -21.86 11.54 27.67
CA GLU D 288 -21.85 10.71 26.48
C GLU D 288 -23.24 10.75 25.83
N GLY D 289 -23.27 10.88 24.51
CA GLY D 289 -24.48 11.18 23.79
C GLY D 289 -24.67 12.64 23.46
N ASP D 290 -23.90 13.52 24.09
CA ASP D 290 -23.91 14.94 23.77
C ASP D 290 -22.94 15.21 22.63
N VAL D 291 -23.34 16.09 21.71
CA VAL D 291 -22.54 16.39 20.53
C VAL D 291 -21.14 16.87 20.91
N ARG D 292 -21.00 17.55 22.03
CA ARG D 292 -19.72 18.07 22.48
C ARG D 292 -18.86 17.02 23.18
N HIS D 293 -19.35 15.79 23.32
CA HIS D 293 -18.57 14.73 23.96
C HIS D 293 -17.47 14.18 23.06
N GLU D 294 -17.57 14.40 21.75
CA GLU D 294 -16.61 13.87 20.78
C GLU D 294 -16.16 14.99 19.86
N ALA D 295 -14.86 14.98 19.53
CA ALA D 295 -14.25 16.12 18.83
C ALA D 295 -14.84 16.30 17.44
N ARG D 296 -14.96 15.21 16.67
CA ARG D 296 -15.48 15.33 15.31
C ARG D 296 -16.92 15.81 15.32
N GLU D 297 -17.74 15.28 16.23
CA GLU D 297 -19.12 15.74 16.34
C GLU D 297 -19.17 17.18 16.81
N PHE D 298 -18.28 17.55 17.75
CA PHE D 298 -18.19 18.94 18.21
C PHE D 298 -17.81 19.86 17.06
N ALA D 299 -16.79 19.48 16.29
CA ALA D 299 -16.36 20.30 15.16
C ALA D 299 -17.45 20.40 14.09
N THR D 300 -18.29 19.37 13.96
CA THR D 300 -19.39 19.44 13.00
C THR D 300 -20.43 20.47 13.43
N LEU D 301 -20.72 20.54 14.73
CA LEU D 301 -21.64 21.54 15.24
C LEU D 301 -21.11 22.94 15.02
N LEU D 302 -19.82 23.15 15.29
CA LEU D 302 -19.23 24.48 15.12
C LEU D 302 -19.22 24.89 13.65
N ASN D 303 -18.94 23.94 12.75
CA ASN D 303 -19.02 24.23 11.32
C ASN D 303 -20.43 24.63 10.92
N ALA D 304 -21.45 24.08 11.58
CA ALA D 304 -22.83 24.43 11.25
C ALA D 304 -23.13 25.87 11.64
N THR D 305 -22.71 26.28 12.85
CA THR D 305 -22.95 27.66 13.28
C THR D 305 -22.23 28.65 12.38
N GLY D 306 -21.04 28.28 11.90
CA GLY D 306 -20.29 29.18 11.03
C GLY D 306 -20.96 29.40 9.69
N ARG D 307 -21.53 28.35 9.11
CA ARG D 307 -22.21 28.46 7.82
C ARG D 307 -23.51 29.25 7.90
N LEU D 308 -24.03 29.51 9.10
CA LEU D 308 -25.24 30.31 9.27
C LEU D 308 -24.95 31.69 9.84
N ASN D 309 -23.73 32.21 9.65
CA ASN D 309 -23.33 33.52 10.19
C ASN D 309 -23.55 33.60 11.70
N ALA D 310 -23.24 32.50 12.39
CA ALA D 310 -23.41 32.39 13.83
C ALA D 310 -22.16 31.83 14.47
N GLY D 311 -20.99 32.27 13.97
CA GLY D 311 -19.73 31.74 14.45
C GLY D 311 -19.50 32.03 15.92
N THR D 312 -19.80 33.26 16.35
CA THR D 312 -19.61 33.63 17.75
C THR D 312 -20.52 32.85 18.67
N LEU D 313 -21.70 32.44 18.18
CA LEU D 313 -22.52 31.50 18.94
C LEU D 313 -21.77 30.21 19.18
N GLY D 314 -20.98 29.77 18.20
CA GLY D 314 -20.14 28.59 18.39
C GLY D 314 -18.98 28.87 19.32
N VAL D 315 -18.41 30.08 19.25
CA VAL D 315 -17.36 30.48 20.19
C VAL D 315 -17.89 30.41 21.61
N ALA D 316 -19.13 30.84 21.83
CA ALA D 316 -19.70 30.81 23.18
C ALA D 316 -19.83 29.37 23.67
N ILE D 317 -20.14 28.43 22.77
CA ILE D 317 -20.20 27.03 23.15
C ILE D 317 -18.85 26.56 23.66
N CYS D 318 -17.78 26.92 22.96
CA CYS D 318 -16.44 26.49 23.36
C CYS D 318 -16.05 27.09 24.70
N LEU D 319 -16.56 28.29 25.00
CA LEU D 319 -16.28 28.94 26.29
C LEU D 319 -17.05 28.31 27.45
N GLY D 320 -18.05 27.47 27.17
CA GLY D 320 -18.82 26.80 28.20
C GLY D 320 -20.22 27.31 28.40
N ASP D 321 -20.68 28.27 27.59
CA ASP D 321 -22.02 28.83 27.74
C ASP D 321 -23.05 27.79 27.32
N GLU D 322 -23.85 27.34 28.29
CA GLU D 322 -24.81 26.27 28.03
C GLU D 322 -26.01 26.76 27.23
N GLU D 323 -26.42 28.03 27.42
CA GLU D 323 -27.58 28.52 26.69
C GLU D 323 -27.28 28.68 25.19
N ALA D 324 -26.02 28.95 24.83
CA ALA D 324 -25.66 29.04 23.42
C ALA D 324 -25.72 27.68 22.74
N TYR D 325 -25.37 26.61 23.46
CA TYR D 325 -25.49 25.27 22.89
C TYR D 325 -26.95 24.92 22.64
N LYS D 326 -27.84 25.32 23.55
CA LYS D 326 -29.27 25.07 23.36
C LYS D 326 -29.80 25.87 22.17
N VAL D 327 -29.38 27.13 22.04
CA VAL D 327 -29.81 27.95 20.91
C VAL D 327 -29.24 27.41 19.60
N ALA D 328 -28.01 26.88 19.64
CA ALA D 328 -27.41 26.34 18.43
C ALA D 328 -28.17 25.12 17.91
N ARG D 329 -28.56 24.20 18.80
CA ARG D 329 -29.23 22.99 18.35
C ARG D 329 -30.59 23.30 17.74
N LYS D 330 -31.36 24.19 18.38
CA LYS D 330 -32.65 24.58 17.81
C LYS D 330 -32.48 25.32 16.49
N MET D 331 -31.40 26.08 16.36
CA MET D 331 -31.17 26.83 15.13
C MET D 331 -30.90 25.89 13.95
N LEU D 332 -30.34 24.71 14.22
CA LEU D 332 -30.02 23.77 13.15
C LEU D 332 -31.22 22.89 12.79
N GLU D 338 -29.99 17.33 5.69
CA GLU D 338 -29.17 17.90 4.64
C GLU D 338 -28.77 16.84 3.62
N GLN D 339 -28.41 15.65 4.11
CA GLN D 339 -28.04 14.57 3.22
C GLN D 339 -29.23 14.11 2.38
N ILE D 340 -30.39 13.95 3.02
CA ILE D 340 -31.60 13.59 2.27
C ILE D 340 -31.97 14.70 1.30
N GLU D 341 -31.78 15.96 1.69
CA GLU D 341 -32.10 17.07 0.81
C GLU D 341 -31.16 17.11 -0.38
N ALA D 342 -29.88 16.77 -0.17
CA ALA D 342 -28.95 16.69 -1.29
C ALA D 342 -29.22 15.46 -2.16
N ARG D 343 -29.82 14.42 -1.58
CA ARG D 343 -30.22 13.26 -2.39
C ARG D 343 -31.38 13.62 -3.31
N LYS D 344 -32.37 14.35 -2.79
CA LYS D 344 -33.52 14.74 -3.60
C LYS D 344 -33.14 15.77 -4.67
N PHE D 345 -32.06 16.51 -4.48
CA PHE D 345 -31.64 17.46 -5.51
C PHE D 345 -31.06 16.73 -6.73
N ILE D 346 -30.09 15.84 -6.50
CA ILE D 346 -29.44 15.16 -7.61
C ILE D 346 -30.40 14.23 -8.33
N ILE D 347 -31.47 13.79 -7.68
CA ILE D 347 -32.47 12.97 -8.36
C ILE D 347 -33.42 13.84 -9.17
N GLN D 348 -33.98 14.87 -8.55
CA GLN D 348 -34.94 15.75 -9.20
C GLN D 348 -34.29 16.72 -10.17
N ASN D 349 -32.96 16.75 -10.27
CA ASN D 349 -32.26 17.61 -11.22
C ASN D 349 -31.25 16.83 -12.04
N TRP D 350 -31.41 15.51 -12.16
CA TRP D 350 -30.48 14.69 -12.94
C TRP D 350 -30.53 14.99 -14.43
N ASN D 351 -31.47 15.82 -14.88
CA ASN D 351 -31.52 16.26 -16.27
C ASN D 351 -30.42 17.25 -16.62
N MET D 352 -29.42 17.41 -15.76
CA MET D 352 -28.32 18.35 -15.99
C MET D 352 -26.99 17.66 -16.25
N VAL D 353 -26.97 16.34 -16.34
CA VAL D 353 -25.71 15.61 -16.49
C VAL D 353 -25.26 15.66 -17.95
N GLU D 354 -23.97 15.91 -18.16
CA GLU D 354 -23.39 15.84 -19.49
C GLU D 354 -22.85 14.43 -19.68
N GLU D 355 -23.70 13.55 -20.21
CA GLU D 355 -23.35 12.15 -20.37
C GLU D 355 -22.41 11.96 -21.54
N GLY D 356 -21.45 11.05 -21.38
CA GLY D 356 -20.51 10.72 -22.43
C GLY D 356 -20.39 9.23 -22.63
N GLU D 357 -19.37 8.81 -23.37
CA GLU D 357 -19.11 7.39 -23.60
C GLU D 357 -18.26 6.77 -22.50
N HIS D 358 -17.83 7.55 -21.52
CA HIS D 358 -16.97 7.05 -20.46
C HIS D 358 -17.51 7.30 -19.06
N ALA D 359 -18.14 8.46 -18.82
CA ALA D 359 -18.57 8.80 -17.47
C ALA D 359 -19.65 9.88 -17.53
N TYR D 360 -20.26 10.14 -16.37
CA TYR D 360 -21.19 11.22 -16.15
C TYR D 360 -20.48 12.40 -15.51
N VAL D 361 -21.04 13.60 -15.69
CA VAL D 361 -20.56 14.80 -15.03
C VAL D 361 -21.77 15.63 -14.62
N PHE D 362 -21.93 15.86 -13.32
CA PHE D 362 -23.06 16.61 -12.78
C PHE D 362 -22.53 17.84 -12.05
N TYR D 363 -22.88 19.02 -12.55
CA TYR D 363 -22.46 20.28 -11.96
C TYR D 363 -23.62 20.81 -11.12
N ALA D 364 -23.50 20.66 -9.80
CA ALA D 364 -24.56 21.06 -8.89
C ALA D 364 -24.48 22.52 -8.47
N GLY D 365 -23.38 23.21 -8.78
CA GLY D 365 -23.23 24.58 -8.34
C GLY D 365 -23.09 24.66 -6.83
N LYS D 366 -23.80 25.62 -6.24
CA LYS D 366 -23.81 25.79 -4.80
C LYS D 366 -24.90 24.99 -4.10
N ASN D 367 -25.64 24.15 -4.84
CA ASN D 367 -26.75 23.42 -4.23
C ASN D 367 -26.26 22.26 -3.36
N ILE D 368 -25.04 21.80 -3.57
CA ILE D 368 -24.45 20.73 -2.77
C ILE D 368 -23.10 21.21 -2.26
N ARG D 369 -22.85 21.02 -0.97
CA ARG D 369 -21.56 21.40 -0.40
C ARG D 369 -20.45 20.57 -1.04
N ASP D 370 -19.28 21.20 -1.19
CA ASP D 370 -18.13 20.53 -1.79
C ASP D 370 -17.62 19.36 -0.94
N THR D 371 -18.06 19.25 0.31
CA THR D 371 -17.72 18.10 1.14
C THR D 371 -18.66 16.93 0.93
N LEU D 372 -19.90 17.19 0.55
CA LEU D 372 -20.88 16.15 0.24
C LEU D 372 -20.80 15.68 -1.20
N VAL D 373 -19.84 16.19 -1.97
CA VAL D 373 -19.75 15.88 -3.40
C VAL D 373 -19.50 14.40 -3.62
N GLY D 374 -18.61 13.81 -2.81
CA GLY D 374 -18.35 12.38 -2.94
C GLY D 374 -19.55 11.53 -2.58
N ILE D 375 -20.34 11.97 -1.61
CA ILE D 375 -21.57 11.25 -1.27
C ILE D 375 -22.58 11.35 -2.41
N ALA D 376 -22.62 12.50 -3.09
CA ALA D 376 -23.57 12.69 -4.19
C ALA D 376 -23.31 11.70 -5.32
N ALA D 377 -22.04 11.53 -5.70
CA ALA D 377 -21.71 10.61 -6.78
C ALA D 377 -22.07 9.18 -6.42
N ASN D 378 -21.84 8.79 -5.16
CA ASN D 378 -22.27 7.46 -4.72
C ASN D 378 -23.79 7.34 -4.74
N MET D 379 -24.50 8.40 -4.39
CA MET D 379 -25.95 8.35 -4.41
C MET D 379 -26.49 8.23 -5.83
N ALA D 380 -25.81 8.85 -6.80
CA ALA D 380 -26.24 8.72 -8.19
C ALA D 380 -26.15 7.28 -8.66
N ILE D 381 -25.13 6.54 -8.19
CA ILE D 381 -25.00 5.13 -8.55
C ILE D 381 -26.07 4.30 -7.85
N ASN D 382 -26.15 4.42 -6.53
CA ASN D 382 -27.06 3.61 -5.73
C ASN D 382 -28.47 4.19 -5.66
N ALA D 383 -29.02 4.65 -6.79
CA ALA D 383 -30.39 5.14 -6.79
C ALA D 383 -31.05 5.05 -8.17
N GLY D 384 -30.54 4.23 -9.08
CA GLY D 384 -31.16 4.10 -10.39
C GLY D 384 -31.14 5.38 -11.20
N LEU D 385 -30.06 6.17 -11.08
CA LEU D 385 -29.93 7.43 -11.78
C LEU D 385 -28.93 7.38 -12.92
N ALA D 386 -27.91 6.52 -12.81
CA ALA D 386 -26.87 6.42 -13.83
C ALA D 386 -26.47 4.96 -13.97
N ASP D 387 -25.97 4.60 -15.15
CA ASP D 387 -25.51 3.24 -15.40
C ASP D 387 -24.30 2.95 -14.51
N PRO D 388 -24.29 1.85 -13.76
CA PRO D 388 -23.19 1.60 -12.83
C PRO D 388 -21.83 1.42 -13.51
N GLU D 389 -21.81 0.97 -14.76
CA GLU D 389 -20.53 0.79 -15.44
C GLU D 389 -19.92 2.10 -15.94
N LYS D 390 -20.66 3.20 -15.87
CA LYS D 390 -20.12 4.51 -16.21
C LYS D 390 -19.87 5.31 -14.94
N PRO D 391 -18.63 5.66 -14.64
CA PRO D 391 -18.35 6.46 -13.43
C PRO D 391 -19.11 7.78 -13.43
N VAL D 392 -19.26 8.34 -12.23
CA VAL D 392 -20.01 9.57 -12.03
C VAL D 392 -19.09 10.61 -11.41
N VAL D 393 -19.23 11.86 -11.83
CA VAL D 393 -18.48 12.98 -11.29
C VAL D 393 -19.46 14.07 -10.91
N VAL D 394 -19.48 14.44 -9.64
CA VAL D 394 -20.29 15.55 -9.15
C VAL D 394 -19.38 16.75 -8.94
N LEU D 395 -19.82 17.91 -9.40
CA LEU D 395 -19.06 19.14 -9.27
C LEU D 395 -19.86 20.16 -8.48
N ALA D 396 -19.17 20.91 -7.63
CA ALA D 396 -19.82 21.93 -6.81
C ALA D 396 -18.82 23.00 -6.45
N ASP D 397 -19.28 24.25 -6.42
CA ASP D 397 -18.40 25.38 -6.13
C ASP D 397 -17.85 25.27 -4.71
N SER D 398 -16.54 25.44 -4.59
CA SER D 398 -15.91 25.43 -3.27
C SER D 398 -16.30 26.69 -2.50
N ASP D 399 -16.68 26.52 -1.23
CA ASP D 399 -17.07 27.66 -0.42
C ASP D 399 -15.92 28.62 -0.15
N GLU D 400 -14.67 28.16 -0.36
CA GLU D 400 -13.51 29.02 -0.17
C GLU D 400 -13.19 29.80 -1.45
N ASP D 401 -12.44 29.19 -2.36
CA ASP D 401 -12.09 29.84 -3.61
C ASP D 401 -13.32 29.94 -4.49
N GLU D 402 -13.72 31.18 -4.81
CA GLU D 402 -14.92 31.40 -5.62
C GLU D 402 -14.69 31.11 -7.10
N ASN D 403 -13.44 30.97 -7.55
CA ASN D 403 -13.14 30.67 -8.94
C ASN D 403 -12.59 29.26 -9.14
N LEU D 404 -12.60 28.43 -8.09
CA LEU D 404 -12.17 27.04 -8.18
C LEU D 404 -13.31 26.14 -7.77
N VAL D 405 -13.51 25.06 -8.53
CA VAL D 405 -14.59 24.11 -8.29
C VAL D 405 -13.98 22.81 -7.76
N LYS D 406 -14.77 22.07 -7.00
CA LYS D 406 -14.36 20.81 -6.41
C LYS D 406 -15.19 19.67 -6.98
N GLY D 407 -14.56 18.52 -7.18
CA GLY D 407 -15.26 17.38 -7.76
C GLY D 407 -14.72 16.08 -7.23
N SER D 408 -15.60 15.07 -7.18
CA SER D 408 -15.25 13.71 -6.79
C SER D 408 -15.75 12.74 -7.85
N ALA D 409 -14.97 11.69 -8.08
CA ALA D 409 -15.31 10.67 -9.07
C ALA D 409 -15.46 9.34 -8.37
N ARG D 410 -16.67 8.76 -8.42
CA ARG D 410 -16.95 7.47 -7.81
C ARG D 410 -17.33 6.47 -8.90
N THR D 411 -17.07 5.20 -8.63
CA THR D 411 -17.39 4.13 -9.56
C THR D 411 -17.57 2.84 -8.75
N THR D 412 -17.97 1.78 -9.43
CA THR D 412 -18.22 0.49 -8.79
C THR D 412 -17.17 -0.53 -9.22
N GLU D 413 -17.21 -1.70 -8.58
CA GLU D 413 -16.27 -2.77 -8.90
C GLU D 413 -16.46 -3.26 -10.33
N LYS D 414 -17.71 -3.51 -10.72
CA LYS D 414 -17.99 -4.02 -12.06
C LYS D 414 -17.53 -3.03 -13.14
N ALA D 415 -17.59 -1.73 -12.87
CA ALA D 415 -17.13 -0.76 -13.85
C ALA D 415 -15.62 -0.83 -14.02
N LEU D 416 -14.89 -1.19 -12.97
CA LEU D 416 -13.44 -1.30 -13.05
C LEU D 416 -13.00 -2.43 -13.97
N GLU D 417 -13.91 -3.35 -14.32
CA GLU D 417 -13.58 -4.48 -15.17
C GLU D 417 -13.53 -4.07 -16.64
N LYS D 418 -13.23 -2.81 -16.90
CA LYS D 418 -12.97 -2.30 -18.24
C LYS D 418 -11.57 -1.73 -18.39
N GLY D 419 -11.07 -1.02 -17.39
CA GLY D 419 -9.75 -0.43 -17.47
C GLY D 419 -9.69 0.97 -16.88
N TYR D 420 -10.78 1.39 -16.24
CA TYR D 420 -10.82 2.70 -15.62
C TYR D 420 -9.93 2.74 -14.38
N HIS D 421 -9.28 3.88 -14.16
CA HIS D 421 -8.55 4.17 -12.93
C HIS D 421 -8.74 5.67 -12.67
N LEU D 422 -9.70 6.01 -11.81
CA LEU D 422 -10.11 7.40 -11.65
C LEU D 422 -8.97 8.26 -11.09
N GLY D 423 -8.03 7.67 -10.36
CA GLY D 423 -6.89 8.44 -9.87
C GLY D 423 -5.98 8.90 -10.99
N GLU D 424 -5.67 8.01 -11.93
CA GLU D 424 -4.84 8.38 -13.07
C GLU D 424 -5.58 9.29 -14.05
N ALA D 425 -6.89 9.11 -14.18
CA ALA D 425 -7.66 9.96 -15.09
C ALA D 425 -7.85 11.37 -14.53
N LEU D 426 -7.83 11.51 -13.21
CA LEU D 426 -8.03 12.81 -12.58
C LEU D 426 -6.73 13.60 -12.45
N LYS D 427 -5.63 12.92 -12.14
CA LYS D 427 -4.35 13.61 -12.05
C LYS D 427 -3.85 14.04 -13.44
N GLU D 428 -4.20 13.29 -14.48
CA GLU D 428 -3.87 13.71 -15.84
C GLU D 428 -4.56 15.02 -16.19
N VAL D 429 -5.88 15.07 -16.03
CA VAL D 429 -6.63 16.28 -16.34
C VAL D 429 -6.26 17.41 -15.37
N ALA D 430 -5.88 17.06 -14.14
CA ALA D 430 -5.44 18.09 -13.20
C ALA D 430 -4.19 18.80 -13.68
N GLU D 431 -3.22 18.04 -14.22
CA GLU D 431 -2.03 18.64 -14.80
C GLU D 431 -2.30 19.29 -16.14
N LYS D 432 -3.27 18.78 -16.90
CA LYS D 432 -3.63 19.33 -18.20
C LYS D 432 -4.64 20.46 -18.12
N LEU D 433 -5.03 20.88 -16.91
CA LEU D 433 -5.96 21.98 -16.76
C LEU D 433 -5.59 22.94 -15.63
N GLY D 434 -4.48 22.71 -14.93
CA GLY D 434 -4.07 23.59 -13.85
C GLY D 434 -4.84 23.37 -12.56
N GLY D 435 -4.69 22.19 -11.98
CA GLY D 435 -5.36 21.87 -10.74
C GLY D 435 -4.73 20.67 -10.07
N GLU D 436 -5.34 20.26 -8.96
CA GLU D 436 -4.88 19.12 -8.17
C GLU D 436 -5.89 18.00 -8.30
N GLY D 437 -5.41 16.79 -8.57
CA GLY D 437 -6.29 15.66 -8.76
C GLY D 437 -5.58 14.35 -8.54
N GLY D 438 -6.35 13.28 -8.56
CA GLY D 438 -5.83 11.94 -8.37
C GLY D 438 -6.39 11.29 -7.11
N GLY D 439 -6.11 10.00 -7.00
CA GLY D 439 -6.57 9.23 -5.86
C GLY D 439 -6.31 7.75 -6.00
N HIS D 440 -7.37 6.96 -6.21
CA HIS D 440 -7.27 5.52 -6.36
C HIS D 440 -8.10 5.09 -7.56
N ALA D 441 -8.13 3.77 -7.80
CA ALA D 441 -8.80 3.25 -8.99
C ALA D 441 -10.31 3.43 -8.91
N ILE D 442 -10.89 3.22 -7.73
CA ILE D 442 -12.34 3.26 -7.60
C ILE D 442 -12.85 4.65 -7.20
N ALA D 443 -12.05 5.44 -6.50
CA ALA D 443 -12.47 6.76 -6.06
C ALA D 443 -11.29 7.72 -6.12
N ALA D 444 -11.59 8.98 -6.44
CA ALA D 444 -10.60 10.04 -6.52
C ALA D 444 -11.32 11.38 -6.53
N GLY D 445 -10.55 12.46 -6.53
CA GLY D 445 -11.11 13.79 -6.54
C GLY D 445 -10.22 14.74 -7.32
N ILE D 446 -10.75 15.93 -7.58
CA ILE D 446 -10.02 16.95 -8.33
C ILE D 446 -10.61 18.31 -7.99
N ARG D 447 -9.72 19.31 -7.88
CA ARG D 447 -10.08 20.71 -7.73
C ARG D 447 -9.42 21.48 -8.86
N PHE D 448 -10.24 22.12 -9.70
CA PHE D 448 -9.75 22.77 -10.90
C PHE D 448 -10.56 24.03 -11.15
N PRO D 449 -10.08 24.93 -12.00
CA PRO D 449 -10.79 26.21 -12.21
C PRO D 449 -12.23 26.02 -12.67
N LYS D 450 -13.10 26.91 -12.22
CA LYS D 450 -14.53 26.84 -12.53
C LYS D 450 -14.85 27.31 -13.94
N ASN D 451 -13.99 28.12 -14.55
CA ASN D 451 -14.22 28.62 -15.90
C ASN D 451 -13.84 27.61 -16.98
N ARG D 452 -13.36 26.43 -16.60
CA ARG D 452 -12.94 25.40 -17.54
C ARG D 452 -13.63 24.07 -17.23
N ILE D 453 -14.93 24.13 -16.92
CA ILE D 453 -15.67 22.91 -16.62
C ILE D 453 -16.03 22.17 -17.90
N ASP D 454 -16.46 22.88 -18.94
CA ASP D 454 -16.79 22.23 -20.20
C ASP D 454 -15.59 21.53 -20.80
N GLU D 455 -14.38 22.04 -20.57
CA GLU D 455 -13.18 21.39 -21.07
C GLU D 455 -12.91 20.10 -20.31
N PHE D 456 -13.17 20.10 -18.99
CA PHE D 456 -12.93 18.91 -18.18
C PHE D 456 -13.81 17.75 -18.61
N ILE D 457 -15.05 18.04 -19.02
CA ILE D 457 -15.99 16.98 -19.38
C ILE D 457 -15.47 16.18 -20.58
N LYS D 458 -15.14 16.89 -21.66
CA LYS D 458 -14.61 16.21 -22.84
C LYS D 458 -13.21 15.67 -22.61
N LEU D 459 -12.46 16.22 -21.66
CA LEU D 459 -11.11 15.73 -21.40
C LEU D 459 -11.12 14.53 -20.47
N PHE D 460 -11.98 14.54 -19.45
CA PHE D 460 -12.08 13.38 -18.56
C PHE D 460 -12.65 12.16 -19.27
N ASN D 461 -13.57 12.38 -20.22
CA ASN D 461 -14.05 11.26 -21.03
C ASN D 461 -12.95 10.72 -21.93
N GLU D 462 -12.14 11.61 -22.52
CA GLU D 462 -11.07 11.18 -23.40
C GLU D 462 -9.97 10.43 -22.66
N ALA D 463 -9.71 10.80 -21.40
CA ALA D 463 -8.66 10.15 -20.63
C ALA D 463 -9.04 8.72 -20.25
N LEU D 464 -10.33 8.45 -20.10
CA LEU D 464 -10.78 7.11 -19.73
C LEU D 464 -10.77 6.17 -20.95
N VAL E 26 -16.58 49.78 37.20
CA VAL E 26 -17.46 49.68 36.05
C VAL E 26 -17.53 48.21 35.61
N PRO E 27 -18.59 47.52 36.03
CA PRO E 27 -18.69 46.08 35.74
C PRO E 27 -18.88 45.82 34.25
N LYS E 28 -18.26 44.74 33.78
CA LYS E 28 -18.32 44.37 32.38
C LYS E 28 -18.67 42.89 32.24
N GLU E 29 -19.40 42.57 31.18
CA GLU E 29 -19.72 41.19 30.84
C GLU E 29 -19.52 40.99 29.34
N ALA E 30 -19.59 39.74 28.90
CA ALA E 30 -19.42 39.40 27.50
C ALA E 30 -20.77 39.24 26.83
N TYR E 31 -20.90 39.77 25.62
CA TYR E 31 -22.14 39.76 24.87
C TYR E 31 -21.86 39.51 23.40
N ILE E 32 -22.85 38.94 22.71
CA ILE E 32 -22.83 38.83 21.25
C ILE E 32 -23.74 39.94 20.72
N ILE E 33 -23.15 40.96 20.13
CA ILE E 33 -23.92 42.05 19.52
C ILE E 33 -24.46 41.54 18.18
N GLN E 34 -25.78 41.55 18.03
CA GLN E 34 -26.44 40.94 16.88
C GLN E 34 -26.79 41.93 15.78
N ILE E 35 -26.42 43.20 15.94
CA ILE E 35 -26.66 44.21 14.91
C ILE E 35 -25.39 45.03 14.74
N ASP E 36 -25.29 45.68 13.57
CA ASP E 36 -24.25 46.68 13.36
C ASP E 36 -24.46 47.84 14.33
N LEU E 37 -23.35 48.38 14.84
CA LEU E 37 -23.47 49.38 15.87
C LEU E 37 -22.29 50.34 15.80
N PRO E 38 -22.53 51.65 15.77
CA PRO E 38 -21.42 52.61 15.84
C PRO E 38 -20.83 52.61 17.24
N ALA E 39 -19.67 53.26 17.36
CA ALA E 39 -19.08 53.47 18.67
C ALA E 39 -20.03 54.30 19.52
N VAL E 40 -20.30 53.83 20.74
CA VAL E 40 -21.21 54.51 21.64
C VAL E 40 -20.50 54.75 22.97
N LEU E 41 -21.04 55.71 23.73
CA LEU E 41 -20.46 56.09 25.01
C LEU E 41 -20.99 55.22 26.14
N GLY E 42 -20.11 54.92 27.09
CA GLY E 42 -20.51 54.30 28.33
C GLY E 42 -20.58 55.32 29.44
N PRO E 43 -20.97 54.89 30.64
CA PRO E 43 -21.07 55.84 31.76
C PRO E 43 -19.74 56.44 32.15
N ASP E 44 -18.62 55.78 31.87
CA ASP E 44 -17.30 56.30 32.19
C ASP E 44 -16.78 57.26 31.12
N MET E 45 -17.64 57.73 30.23
CA MET E 45 -17.26 58.60 29.11
C MET E 45 -16.21 57.96 28.20
N LYS E 46 -16.09 56.64 28.23
CA LYS E 46 -15.22 55.91 27.32
C LYS E 46 -16.04 55.36 26.17
N GLU E 47 -15.38 55.18 25.03
CA GLU E 47 -16.05 54.69 23.83
C GLU E 47 -15.97 53.16 23.76
N TYR E 48 -17.04 52.56 23.27
CA TYR E 48 -17.12 51.12 23.08
C TYR E 48 -17.68 50.83 21.70
N GLY E 49 -16.94 50.06 20.90
CA GLY E 49 -17.29 49.81 19.53
C GLY E 49 -16.33 50.49 18.58
N PRO E 50 -16.71 50.60 17.29
CA PRO E 50 -17.97 50.12 16.73
C PRO E 50 -18.05 48.60 16.62
N PHE E 51 -19.25 48.07 16.47
CA PHE E 51 -19.48 46.63 16.46
C PHE E 51 -20.04 46.20 15.11
N MET E 52 -19.46 45.16 14.55
CA MET E 52 -20.07 44.47 13.43
C MET E 52 -21.11 43.48 13.92
N ALA E 53 -22.16 43.30 13.13
CA ALA E 53 -23.22 42.37 13.50
C ALA E 53 -22.66 40.98 13.70
N GLY E 54 -22.83 40.44 14.90
CA GLY E 54 -22.32 39.13 15.26
C GLY E 54 -21.08 39.14 16.13
N ASP E 55 -20.52 40.30 16.43
CA ASP E 55 -19.32 40.38 17.24
C ASP E 55 -19.62 39.98 18.69
N MET E 56 -18.65 39.33 19.32
CA MET E 56 -18.68 39.06 20.75
C MET E 56 -17.64 39.94 21.41
N ALA E 57 -18.06 40.74 22.39
CA ALA E 57 -17.18 41.69 23.04
C ALA E 57 -17.50 41.78 24.53
N ILE E 58 -16.49 42.12 25.31
CA ILE E 58 -16.67 42.43 26.72
C ILE E 58 -16.92 43.93 26.84
N ILE E 59 -18.10 44.29 27.32
CA ILE E 59 -18.53 45.69 27.40
C ILE E 59 -19.17 45.94 28.75
N PRO E 60 -19.24 47.20 29.17
CA PRO E 60 -19.93 47.51 30.45
C PRO E 60 -21.35 46.98 30.45
N THR E 61 -21.77 46.45 31.60
CA THR E 61 -23.04 45.73 31.69
C THR E 61 -24.23 46.63 31.39
N VAL E 62 -24.12 47.93 31.70
CA VAL E 62 -25.23 48.84 31.42
C VAL E 62 -25.51 48.90 29.94
N ILE E 63 -24.45 48.90 29.11
CA ILE E 63 -24.64 48.86 27.67
C ILE E 63 -25.18 47.50 27.24
N GLY E 64 -24.62 46.42 27.79
CA GLY E 64 -25.03 45.09 27.37
C GLY E 64 -26.46 44.78 27.72
N ARG E 65 -26.86 45.07 28.96
CA ARG E 65 -28.24 44.81 29.37
C ARG E 65 -29.22 45.65 28.56
N ALA E 66 -28.83 46.87 28.19
CA ALA E 66 -29.68 47.70 27.36
C ALA E 66 -29.87 47.07 25.98
N LEU E 67 -28.79 46.53 25.40
CA LEU E 67 -28.89 45.88 24.11
C LEU E 67 -29.71 44.59 24.20
N VAL E 68 -29.63 43.88 25.34
CA VAL E 68 -30.42 42.66 25.50
C VAL E 68 -31.90 43.00 25.54
N GLU E 69 -32.29 43.97 26.38
CA GLU E 69 -33.69 44.38 26.45
C GLU E 69 -34.19 44.90 25.10
N ARG E 70 -33.30 45.48 24.30
CA ARG E 70 -33.64 45.86 22.93
C ARG E 70 -33.60 44.69 21.96
N GLU E 71 -33.36 43.47 22.46
CA GLU E 71 -33.28 42.28 21.61
C GLU E 71 -32.22 42.42 20.53
N ALA E 72 -31.09 43.05 20.90
CA ALA E 72 -29.97 43.26 19.98
C ALA E 72 -28.70 42.57 20.45
N ALA E 73 -28.71 41.88 21.58
CA ALA E 73 -27.53 41.21 22.09
C ALA E 73 -27.95 40.08 23.00
N ARG E 74 -27.08 39.08 23.11
CA ARG E 74 -27.26 37.98 24.05
C ARG E 74 -26.04 37.87 24.95
N ARG E 75 -26.28 37.55 26.21
CA ARG E 75 -25.19 37.37 27.17
C ARG E 75 -24.50 36.04 26.92
N VAL E 76 -23.18 36.03 27.01
CA VAL E 76 -22.41 34.80 27.00
C VAL E 76 -21.58 34.76 28.28
N ARG E 77 -21.35 33.55 28.77
CA ARG E 77 -20.66 33.33 30.03
C ARG E 77 -19.33 32.64 29.78
N ILE E 78 -18.27 33.14 30.41
CA ILE E 78 -16.93 32.60 30.27
C ILE E 78 -16.49 32.15 31.67
N PHE E 79 -16.47 30.84 31.88
CA PHE E 79 -16.07 30.28 33.17
C PHE E 79 -14.55 30.27 33.27
N LEU E 80 -14.02 31.00 34.25
CA LEU E 80 -12.58 31.12 34.44
C LEU E 80 -12.13 30.43 35.73
N MET F 1 -24.98 64.96 31.07
CA MET F 1 -25.05 63.65 31.71
C MET F 1 -26.18 62.82 31.11
N LEU F 2 -26.45 63.02 29.81
CA LEU F 2 -27.52 62.28 29.17
C LEU F 2 -27.14 60.84 28.84
N VAL F 3 -25.84 60.52 28.86
CA VAL F 3 -25.41 59.15 28.60
C VAL F 3 -26.02 58.20 29.64
N GLU F 4 -25.92 58.57 30.92
CA GLU F 4 -26.51 57.75 31.97
C GLU F 4 -28.03 57.75 31.90
N ASP F 5 -28.62 58.91 31.58
CA ASP F 5 -30.08 59.01 31.56
C ASP F 5 -30.67 58.28 30.35
N LEU F 6 -29.98 58.34 29.21
CA LEU F 6 -30.42 57.57 28.04
C LEU F 6 -30.25 56.07 28.30
N LEU F 7 -29.12 55.68 28.91
CA LEU F 7 -28.91 54.27 29.23
C LEU F 7 -29.97 53.76 30.20
N LYS F 8 -30.39 54.61 31.14
CA LYS F 8 -31.40 54.20 32.12
C LYS F 8 -32.68 53.73 31.45
N ASN F 9 -33.00 54.29 30.29
CA ASN F 9 -34.17 53.88 29.52
C ASN F 9 -33.79 53.12 28.25
N ASN F 10 -32.61 52.50 28.24
CA ASN F 10 -32.16 51.62 27.14
C ASN F 10 -31.98 52.39 25.84
N TYR F 11 -31.23 53.49 25.91
CA TYR F 11 -30.86 54.26 24.72
C TYR F 11 -29.35 54.49 24.74
N LEU F 12 -28.71 54.22 23.61
CA LEU F 12 -27.29 54.46 23.44
C LEU F 12 -27.08 55.77 22.68
N ILE F 13 -25.88 56.33 22.81
CA ILE F 13 -25.54 57.58 22.15
C ILE F 13 -24.09 57.54 21.69
N THR F 14 -23.85 57.99 20.46
CA THR F 14 -22.49 58.04 19.94
C THR F 14 -21.74 59.22 20.55
N PRO F 15 -20.40 59.16 20.61
CA PRO F 15 -19.65 60.31 21.15
C PRO F 15 -19.87 61.60 20.40
N SER F 16 -19.95 61.55 19.07
CA SER F 16 -20.20 62.77 18.31
C SER F 16 -21.61 63.31 18.54
N ALA F 17 -22.56 62.46 18.93
CA ALA F 17 -23.89 62.95 19.25
C ALA F 17 -23.94 63.57 20.64
N TYR F 18 -23.19 63.02 21.60
CA TYR F 18 -23.07 63.64 22.91
C TYR F 18 -22.44 65.03 22.81
N TYR F 19 -21.43 65.16 21.94
CA TYR F 19 -20.76 66.45 21.76
C TYR F 19 -21.73 67.52 21.28
N LEU F 20 -22.76 67.13 20.53
CA LEU F 20 -23.71 68.09 19.98
C LEU F 20 -24.90 68.36 20.87
N LEU F 21 -25.20 67.45 21.82
CA LEU F 21 -26.43 67.54 22.60
C LEU F 21 -26.21 67.82 24.09
N SER F 22 -25.03 67.53 24.64
CA SER F 22 -24.85 67.60 26.09
C SER F 22 -25.12 68.99 26.64
N ASP F 23 -24.63 70.03 25.95
CA ASP F 23 -24.82 71.39 26.44
C ASP F 23 -26.28 71.81 26.39
N HIS F 24 -27.04 71.32 25.41
CA HIS F 24 -28.45 71.64 25.31
C HIS F 24 -29.34 70.74 26.17
N TYR F 25 -28.75 69.75 26.83
CA TYR F 25 -29.53 68.82 27.64
C TYR F 25 -30.09 69.53 28.87
N LYS F 26 -31.41 69.38 29.09
CA LYS F 26 -32.13 69.98 30.20
C LYS F 26 -32.23 71.50 30.09
N LYS F 27 -31.45 72.11 29.20
CA LYS F 27 -31.53 73.55 28.98
C LYS F 27 -32.52 73.90 27.88
N ALA F 28 -32.52 73.16 26.77
CA ALA F 28 -33.40 73.43 25.65
C ALA F 28 -34.34 72.27 25.31
N PHE F 29 -34.01 71.05 25.72
CA PHE F 29 -34.88 69.91 25.46
C PHE F 29 -34.85 68.98 26.68
N THR F 30 -35.92 68.20 26.81
CA THR F 30 -36.06 67.24 27.90
C THR F 30 -35.64 65.85 27.43
N LEU F 31 -35.37 64.98 28.40
CA LEU F 31 -35.07 63.58 28.08
C LEU F 31 -36.24 62.90 27.39
N ALA F 32 -37.46 63.27 27.75
CA ALA F 32 -38.63 62.69 27.08
C ALA F 32 -38.70 63.11 25.62
N GLU F 33 -38.34 64.37 25.33
CA GLU F 33 -38.37 64.85 23.96
C GLU F 33 -37.38 64.10 23.08
N LEU F 34 -36.15 63.91 23.57
CA LEU F 34 -35.15 63.17 22.80
C LEU F 34 -35.56 61.72 22.62
N ILE F 35 -36.12 61.11 23.66
CA ILE F 35 -36.53 59.72 23.58
C ILE F 35 -37.70 59.56 22.61
N LYS F 36 -38.67 60.49 22.65
CA LYS F 36 -39.81 60.42 21.74
C LYS F 36 -39.36 60.59 20.30
N PHE F 37 -38.39 61.48 20.06
CA PHE F 37 -37.87 61.68 18.71
C PHE F 37 -37.17 60.42 18.20
N ALA F 38 -36.46 59.73 19.08
CA ALA F 38 -35.79 58.48 18.67
C ALA F 38 -36.82 57.38 18.44
N LYS F 39 -37.80 57.25 19.32
CA LYS F 39 -38.76 56.17 19.20
C LYS F 39 -39.62 56.33 17.94
N ASN F 40 -39.91 57.57 17.57
CA ASN F 40 -40.66 57.82 16.35
C ASN F 40 -39.86 57.47 15.10
N ARG F 41 -38.53 57.40 15.19
CA ARG F 41 -37.70 56.89 14.11
C ARG F 41 -37.39 55.41 14.26
N GLY F 42 -37.94 54.75 15.27
CA GLY F 42 -37.71 53.32 15.45
C GLY F 42 -36.27 52.96 15.74
N THR F 43 -35.56 53.80 16.49
CA THR F 43 -34.17 53.55 16.85
C THR F 43 -33.98 53.75 18.34
N PHE F 44 -32.99 53.06 18.89
CA PHE F 44 -32.57 53.28 20.26
C PHE F 44 -31.14 53.80 20.34
N VAL F 45 -30.56 54.20 19.21
CA VAL F 45 -29.21 54.75 19.15
C VAL F 45 -29.31 56.20 18.71
N VAL F 46 -28.73 57.10 19.50
CA VAL F 46 -28.69 58.53 19.19
C VAL F 46 -27.35 58.79 18.52
N ASP F 47 -27.36 58.92 17.20
CA ASP F 47 -26.15 59.21 16.43
C ASP F 47 -26.15 60.68 16.03
N SER F 48 -25.06 61.09 15.36
CA SER F 48 -24.92 62.50 14.97
C SER F 48 -26.01 62.93 14.01
N ASN F 49 -26.43 62.03 13.10
CA ASN F 49 -27.50 62.37 12.18
C ASN F 49 -28.82 62.59 12.90
N LEU F 50 -29.14 61.71 13.86
CA LEU F 50 -30.37 61.87 14.62
C LEU F 50 -30.32 63.14 15.47
N ALA F 51 -29.15 63.46 16.01
CA ALA F 51 -29.03 64.65 16.85
C ALA F 51 -29.29 65.92 16.04
N ARG F 52 -28.79 65.98 14.81
CA ARG F 52 -28.98 67.16 13.98
C ARG F 52 -30.43 67.31 13.55
N GLU F 53 -31.07 66.20 13.18
CA GLU F 53 -32.50 66.25 12.87
C GLU F 53 -33.32 66.61 14.10
N PHE F 54 -32.86 66.22 15.29
CA PHE F 54 -33.58 66.57 16.51
C PHE F 54 -33.42 68.06 16.83
N LEU F 55 -32.19 68.55 16.81
CA LEU F 55 -31.97 69.98 17.02
C LEU F 55 -32.69 70.82 15.98
N ALA F 56 -32.84 70.29 14.76
CA ALA F 56 -33.53 71.02 13.71
C ALA F 56 -35.03 71.14 14.01
N GLU F 57 -35.65 70.02 14.40
CA GLU F 57 -37.08 70.03 14.70
C GLU F 57 -37.41 70.89 15.92
N LYS F 58 -36.45 71.09 16.82
CA LYS F 58 -36.66 71.88 18.02
C LYS F 58 -36.29 73.34 17.85
N GLY F 59 -35.83 73.75 16.67
CA GLY F 59 -35.41 75.12 16.47
C GLY F 59 -34.18 75.52 17.25
N ILE F 60 -33.32 74.57 17.58
CA ILE F 60 -32.10 74.85 18.33
C ILE F 60 -30.98 75.05 17.33
N ILE F 61 -30.50 76.28 17.20
CA ILE F 61 -29.46 76.60 16.24
C ILE F 61 -28.13 76.84 16.95
#